data_4BPB
#
_entry.id   4BPB
#
_cell.length_a   47.618
_cell.length_b   76.208
_cell.length_c   219.825
_cell.angle_alpha   90.00
_cell.angle_beta   90.00
_cell.angle_gamma   90.00
#
_symmetry.space_group_name_H-M   'P 21 21 21'
#
loop_
_entity.id
_entity.type
_entity.pdbx_description
1 polymer 'PROBABLE ATP-DEPENDENT RNA HELICASE DDX58'
2 polymer "5'-R(*GP*CP*GP*CP*GP*CP*GP*CP*GP*CP)-3'"
3 non-polymer 'ZINC ION'
4 non-polymer 'SULFATE ION'
5 water water
#
loop_
_entity_poly.entity_id
_entity_poly.type
_entity_poly.pdbx_seq_one_letter_code
_entity_poly.pdbx_strand_id
1 'polypeptide(L)'
;SEVSDTNLYSPFKPRNYQLELALPAMKGKNTIICAPTGCGKTFVSLLICEHHLKKFPQGQKGKVVFFANQIPVYEQNKSV
FSKYFERHGYRVTGISGATAENVPVEQIVENNDIIILTPQILVNNLKKGTIPSLSIFTLMIFDECHNTSKQHPYNMIMFN
YLDQKLGGSSGPLPQVIGLTASVGVGDAKTTDEALDYICKLCASLDASVIATVKHNLEELEQVVYKPQKFFRKVESRISD
KFKYIIAQLMRDTESLAKRICKDLENLSQIQNREFGTQKYEQWIVTVQKACMVFQMPDKDEESRICKALFLYTSHLRKYN
DALIISEHARMKDALDYLKDFFSNVRAAGFDEIEQDLTQRFEEKLQELESVSRDPSNENPKLEDLCFILQEEYHLNPETI
TILFVKTRALVDALKNWIEGNPKLSFLKPGILTGRGKTNQNTFFGMTLPAQKCILDAFKASGDHNILIATSVADEGIDIA
QCNLVILYEYVGNVIKMIQTRGRGRARGSKCFLLTSNAGVIEKEQINMYKEKMMNDSILRLQTWDEAVFREKILHIQTHE
KFIRDSQEKPKPVPDKENKKLLCRKCKALACYTADVRVIEDCHYTVLGDAFKECFVSRPHPKPKQFSSFEKRAKIFCARQ
NCSHDWGIHVKYKTFEIPVIKIESFVVEDIATGVQTLYSKWKDFHFEKIPFDPAEMSK
;
A
2 'polyribonucleotide' GCGCGCGCGC C,D
#
loop_
_chem_comp.id
_chem_comp.type
_chem_comp.name
_chem_comp.formula
C RNA linking CYTIDINE-5'-MONOPHOSPHATE 'C9 H14 N3 O8 P'
G RNA linking GUANOSINE-5'-MONOPHOSPHATE 'C10 H14 N5 O8 P'
SO4 non-polymer 'SULFATE ION' 'O4 S -2'
ZN non-polymer 'ZINC ION' 'Zn 2'
#
# COMPACT_ATOMS: atom_id res chain seq x y z
N ASN A 7 16.42 -18.55 9.13
CA ASN A 7 16.40 -17.26 9.80
C ASN A 7 15.84 -17.34 11.21
N LEU A 8 14.52 -17.44 11.31
CA LEU A 8 13.84 -17.58 12.59
C LEU A 8 13.62 -19.05 12.91
N TYR A 9 14.59 -19.89 12.55
CA TYR A 9 14.41 -21.34 12.62
C TYR A 9 15.49 -22.07 13.40
N SER A 10 16.59 -21.38 13.69
CA SER A 10 17.66 -21.97 14.48
C SER A 10 17.40 -21.76 15.97
N PRO A 11 17.88 -22.71 16.80
CA PRO A 11 17.83 -22.58 18.26
C PRO A 11 18.29 -21.19 18.72
N PHE A 12 17.33 -20.28 18.72
CA PHE A 12 17.55 -18.89 19.08
C PHE A 12 17.89 -18.79 20.57
N LYS A 13 19.00 -18.14 20.89
CA LYS A 13 19.31 -17.82 22.27
C LYS A 13 19.11 -16.33 22.51
N PRO A 14 18.19 -15.99 23.42
CA PRO A 14 17.74 -14.62 23.68
C PRO A 14 18.87 -13.65 23.98
N ARG A 15 18.78 -12.45 23.41
CA ARG A 15 19.58 -11.31 23.87
C ARG A 15 18.87 -10.81 25.12
N ASN A 16 19.57 -10.04 25.95
CA ASN A 16 18.98 -9.54 27.19
C ASN A 16 17.77 -8.62 26.97
N TYR A 17 17.83 -7.83 25.89
CA TYR A 17 16.75 -6.88 25.61
C TYR A 17 15.44 -7.57 25.25
N GLN A 18 15.53 -8.78 24.71
CA GLN A 18 14.34 -9.56 24.37
C GLN A 18 13.67 -10.12 25.61
N LEU A 19 14.47 -10.52 26.59
CA LEU A 19 13.96 -10.94 27.88
C LEU A 19 13.30 -9.75 28.58
N GLU A 20 14.01 -8.62 28.59
CA GLU A 20 13.50 -7.38 29.15
C GLU A 20 12.15 -7.01 28.54
N LEU A 21 12.05 -7.14 27.22
CA LEU A 21 10.80 -6.86 26.51
C LEU A 21 9.71 -7.87 26.87
N ALA A 22 10.11 -9.13 27.07
CA ALA A 22 9.14 -10.19 27.34
C ALA A 22 8.62 -10.19 28.77
N LEU A 23 9.31 -9.49 29.66
CA LEU A 23 8.94 -9.49 31.09
C LEU A 23 7.49 -9.08 31.43
N PRO A 24 7.06 -7.86 31.06
CA PRO A 24 5.73 -7.43 31.49
C PRO A 24 4.57 -8.28 30.96
N ALA A 25 4.73 -8.83 29.75
CA ALA A 25 3.71 -9.71 29.18
C ALA A 25 3.62 -11.02 29.96
N MET A 26 4.78 -11.53 30.40
CA MET A 26 4.83 -12.75 31.18
C MET A 26 4.28 -12.54 32.59
N LYS A 27 4.09 -11.27 32.96
CA LYS A 27 3.46 -10.93 34.23
C LYS A 27 1.94 -10.85 34.09
N GLY A 28 1.45 -11.16 32.91
CA GLY A 28 0.02 -11.15 32.66
C GLY A 28 -0.56 -9.80 32.29
N LYS A 29 0.31 -8.80 32.13
CA LYS A 29 -0.13 -7.46 31.77
C LYS A 29 -0.42 -7.33 30.29
N ASN A 30 -1.44 -6.56 29.94
CA ASN A 30 -1.68 -6.23 28.54
C ASN A 30 -0.64 -5.22 28.07
N THR A 31 0.16 -5.62 27.08
CA THR A 31 1.37 -4.87 26.75
C THR A 31 1.49 -4.56 25.26
N ILE A 32 1.91 -3.34 24.96
CA ILE A 32 2.34 -3.00 23.62
C ILE A 32 3.87 -3.05 23.59
N ILE A 33 4.40 -4.03 22.87
CA ILE A 33 5.85 -4.16 22.77
C ILE A 33 6.37 -3.35 21.58
N CYS A 34 7.15 -2.32 21.86
CA CYS A 34 7.65 -1.45 20.80
C CYS A 34 9.16 -1.50 20.69
N ALA A 35 9.63 -2.04 19.57
CA ALA A 35 11.06 -2.23 19.33
C ALA A 35 11.32 -2.21 17.82
N PRO A 36 12.52 -1.77 17.42
CA PRO A 36 12.84 -1.61 15.99
C PRO A 36 12.67 -2.87 15.15
N THR A 37 12.46 -2.68 13.84
CA THR A 37 12.30 -3.78 12.89
C THR A 37 13.56 -4.63 12.80
N GLY A 38 13.41 -5.93 13.03
CA GLY A 38 14.54 -6.85 12.92
C GLY A 38 15.35 -7.02 14.18
N CYS A 39 14.73 -6.73 15.33
CA CYS A 39 15.39 -6.90 16.62
CA CYS A 39 15.39 -6.91 16.62
C CYS A 39 14.96 -8.21 17.27
N GLY A 40 13.98 -8.88 16.64
CA GLY A 40 13.50 -10.15 17.15
C GLY A 40 12.26 -10.06 18.03
N LYS A 41 11.28 -9.28 17.60
CA LYS A 41 10.01 -9.19 18.33
C LYS A 41 9.22 -10.49 18.16
N THR A 42 9.45 -11.17 17.03
CA THR A 42 8.85 -12.47 16.77
C THR A 42 9.29 -13.49 17.80
N PHE A 43 10.60 -13.51 18.08
CA PHE A 43 11.14 -14.42 19.09
C PHE A 43 10.62 -14.07 20.48
N VAL A 44 10.44 -12.77 20.73
CA VAL A 44 9.85 -12.31 21.98
C VAL A 44 8.44 -12.86 22.11
N SER A 45 7.69 -12.80 21.02
CA SER A 45 6.32 -13.33 20.99
C SER A 45 6.32 -14.83 21.20
N LEU A 46 7.35 -15.50 20.69
CA LEU A 46 7.51 -16.94 20.92
C LEU A 46 7.73 -17.22 22.40
N LEU A 47 8.57 -16.41 23.04
CA LEU A 47 8.83 -16.55 24.48
C LEU A 47 7.55 -16.35 25.29
N ILE A 48 6.83 -15.28 24.98
CA ILE A 48 5.58 -14.96 25.67
C ILE A 48 4.52 -16.05 25.49
N CYS A 49 4.38 -16.53 24.26
CA CYS A 49 3.44 -17.60 23.96
C CYS A 49 3.80 -18.86 24.72
N GLU A 50 5.10 -19.18 24.74
CA GLU A 50 5.60 -20.37 25.43
C GLU A 50 5.29 -20.29 26.92
N HIS A 51 5.65 -19.18 27.56
CA HIS A 51 5.34 -19.02 28.97
C HIS A 51 3.85 -19.10 29.23
N HIS A 52 3.07 -18.44 28.38
CA HIS A 52 1.62 -18.40 28.56
C HIS A 52 1.02 -19.81 28.53
N LEU A 53 1.33 -20.57 27.49
CA LEU A 53 0.82 -21.93 27.38
C LEU A 53 1.35 -22.83 28.51
N LYS A 54 2.61 -22.65 28.88
CA LYS A 54 3.26 -23.52 29.86
C LYS A 54 2.82 -23.25 31.30
N LYS A 55 2.33 -22.04 31.58
CA LYS A 55 2.00 -21.64 32.94
C LYS A 55 0.71 -22.26 33.49
N PHE A 56 -0.12 -22.80 32.62
CA PHE A 56 -1.37 -23.42 33.07
C PHE A 56 -1.12 -24.72 33.81
N PRO A 57 -1.74 -24.87 35.00
CA PRO A 57 -1.65 -26.10 35.79
C PRO A 57 -2.18 -27.29 35.00
N GLN A 58 -1.70 -28.49 35.32
CA GLN A 58 -2.18 -29.69 34.63
C GLN A 58 -3.67 -29.90 34.88
N GLY A 59 -4.42 -30.05 33.80
CA GLY A 59 -5.87 -30.11 33.87
C GLY A 59 -6.47 -28.93 33.12
N GLN A 60 -5.72 -27.83 33.07
CA GLN A 60 -6.12 -26.65 32.32
C GLN A 60 -5.26 -26.48 31.08
N LYS A 61 -5.75 -25.70 30.11
CA LYS A 61 -4.98 -25.39 28.91
C LYS A 61 -5.36 -24.03 28.36
N GLY A 62 -4.39 -23.33 27.78
CA GLY A 62 -4.63 -22.02 27.21
C GLY A 62 -4.85 -22.10 25.71
N LYS A 63 -5.25 -20.99 25.11
CA LYS A 63 -5.42 -20.93 23.67
C LYS A 63 -4.96 -19.58 23.16
N VAL A 64 -4.09 -19.59 22.16
CA VAL A 64 -3.46 -18.38 21.67
C VAL A 64 -3.84 -18.08 20.22
N VAL A 65 -4.20 -16.83 19.93
CA VAL A 65 -4.43 -16.41 18.55
C VAL A 65 -3.47 -15.29 18.15
N PHE A 66 -2.77 -15.48 17.04
CA PHE A 66 -1.83 -14.50 16.51
C PHE A 66 -2.41 -13.89 15.24
N PHE A 67 -2.49 -12.57 15.19
CA PHE A 67 -3.04 -11.90 14.02
C PHE A 67 -1.93 -11.43 13.07
N ALA A 68 -2.14 -11.69 11.78
CA ALA A 68 -1.22 -11.22 10.74
C ALA A 68 -2.00 -10.47 9.69
N ASN A 69 -1.45 -9.36 9.20
CA ASN A 69 -2.17 -8.50 8.25
C ASN A 69 -2.00 -8.89 6.79
N GLN A 70 -0.83 -9.40 6.42
CA GLN A 70 -0.59 -9.85 5.06
C GLN A 70 -0.36 -11.36 5.01
N ILE A 71 -0.69 -11.97 3.87
CA ILE A 71 -0.52 -13.41 3.67
C ILE A 71 0.92 -13.93 3.88
N PRO A 72 1.94 -13.23 3.34
CA PRO A 72 3.31 -13.68 3.61
C PRO A 72 3.65 -13.78 5.10
N VAL A 73 3.26 -12.77 5.88
CA VAL A 73 3.49 -12.78 7.33
C VAL A 73 2.74 -13.92 8.00
N TYR A 74 1.48 -14.09 7.60
CA TYR A 74 0.65 -15.21 8.04
C TYR A 74 1.39 -16.52 7.87
N GLU A 75 1.91 -16.74 6.66
CA GLU A 75 2.62 -17.98 6.33
C GLU A 75 3.90 -18.15 7.13
N GLN A 76 4.74 -17.12 7.14
CA GLN A 76 6.04 -17.23 7.80
C GLN A 76 5.90 -17.46 9.31
N ASN A 77 4.94 -16.79 9.94
CA ASN A 77 4.73 -16.99 11.37
C ASN A 77 3.97 -18.27 11.69
N LYS A 78 3.14 -18.73 10.75
CA LYS A 78 2.51 -20.04 10.89
C LYS A 78 3.61 -21.09 10.92
N SER A 79 4.55 -20.98 9.99
CA SER A 79 5.71 -21.88 9.92
C SER A 79 6.57 -21.81 11.18
N VAL A 80 6.99 -20.61 11.56
CA VAL A 80 7.84 -20.39 12.73
C VAL A 80 7.19 -20.96 14.00
N PHE A 81 5.94 -20.58 14.25
CA PHE A 81 5.21 -21.05 15.42
C PHE A 81 5.01 -22.56 15.39
N SER A 82 4.75 -23.11 14.22
CA SER A 82 4.58 -24.56 14.08
C SER A 82 5.87 -25.33 14.37
N LYS A 83 7.00 -24.77 13.96
CA LYS A 83 8.29 -25.42 14.20
C LYS A 83 8.73 -25.29 15.65
N TYR A 84 8.49 -24.11 16.24
CA TYR A 84 8.98 -23.82 17.59
C TYR A 84 8.29 -24.68 18.65
N PHE A 85 6.98 -24.87 18.51
CA PHE A 85 6.23 -25.64 19.48
C PHE A 85 6.02 -27.08 19.03
N GLU A 86 6.98 -27.60 18.26
CA GLU A 86 6.95 -28.98 17.81
C GLU A 86 7.15 -29.94 18.98
N ARG A 87 8.26 -29.76 19.69
CA ARG A 87 8.61 -30.63 20.82
C ARG A 87 7.65 -30.48 22.00
N HIS A 88 6.85 -29.43 21.97
CA HIS A 88 5.92 -29.15 23.07
C HIS A 88 4.62 -29.93 22.93
N GLY A 89 4.27 -30.30 21.69
CA GLY A 89 3.07 -31.08 21.45
C GLY A 89 1.81 -30.28 21.17
N TYR A 90 1.95 -28.96 21.15
CA TYR A 90 0.80 -28.08 20.89
C TYR A 90 0.33 -28.22 19.45
N ARG A 91 -0.98 -28.23 19.25
CA ARG A 91 -1.54 -28.27 17.90
C ARG A 91 -1.57 -26.85 17.32
N VAL A 92 -0.81 -26.65 16.26
CA VAL A 92 -0.73 -25.34 15.61
C VAL A 92 -1.35 -25.37 14.22
N THR A 93 -2.29 -24.46 13.98
CA THR A 93 -2.91 -24.33 12.67
C THR A 93 -3.04 -22.86 12.30
N GLY A 94 -3.63 -22.59 11.15
CA GLY A 94 -3.89 -21.23 10.72
C GLY A 94 -5.10 -21.17 9.81
N ILE A 95 -5.73 -20.01 9.73
CA ILE A 95 -6.84 -19.80 8.79
C ILE A 95 -6.65 -18.48 8.04
N SER A 96 -6.71 -18.54 6.72
CA SER A 96 -6.71 -17.34 5.88
C SER A 96 -7.84 -17.44 4.88
N GLY A 97 -8.00 -16.42 4.03
CA GLY A 97 -9.02 -16.42 3.00
C GLY A 97 -8.86 -17.53 1.99
N ALA A 98 -7.72 -18.20 2.01
CA ALA A 98 -7.48 -19.36 1.16
C ALA A 98 -8.06 -20.61 1.81
N THR A 99 -8.16 -20.59 3.14
CA THR A 99 -8.82 -21.67 3.87
C THR A 99 -10.34 -21.50 3.79
N ALA A 100 -10.88 -20.69 4.70
CA ALA A 100 -12.31 -20.40 4.72
C ALA A 100 -12.75 -19.75 3.40
N GLU A 101 -13.95 -20.08 2.94
CA GLU A 101 -14.87 -20.96 3.66
C GLU A 101 -14.83 -22.39 3.14
N ASN A 102 -13.84 -23.16 3.60
CA ASN A 102 -13.74 -24.56 3.27
C ASN A 102 -13.81 -25.43 4.53
N VAL A 103 -13.53 -24.80 5.67
CA VAL A 103 -13.48 -25.53 6.94
C VAL A 103 -14.34 -24.86 8.00
N PRO A 104 -14.88 -25.68 8.93
CA PRO A 104 -15.69 -25.14 10.04
C PRO A 104 -14.80 -24.52 11.12
N VAL A 105 -14.79 -23.18 11.18
CA VAL A 105 -13.84 -22.43 11.98
C VAL A 105 -13.90 -22.66 13.50
N GLU A 106 -15.10 -22.72 14.06
CA GLU A 106 -15.26 -22.91 15.50
C GLU A 106 -14.59 -24.19 15.99
N GLN A 107 -14.80 -25.27 15.24
CA GLN A 107 -14.23 -26.57 15.57
C GLN A 107 -12.71 -26.60 15.40
N ILE A 108 -12.19 -25.80 14.46
CA ILE A 108 -10.75 -25.67 14.28
C ILE A 108 -10.13 -24.95 15.47
N VAL A 109 -10.73 -23.81 15.83
CA VAL A 109 -10.31 -23.03 16.99
C VAL A 109 -10.36 -23.90 18.24
N GLU A 110 -11.35 -24.78 18.32
CA GLU A 110 -11.51 -25.65 19.48
C GLU A 110 -10.43 -26.75 19.54
N ASN A 111 -10.12 -27.33 18.39
CA ASN A 111 -9.19 -28.46 18.33
C ASN A 111 -7.73 -28.05 18.20
N ASN A 112 -7.45 -26.75 18.34
CA ASN A 112 -6.08 -26.26 18.25
C ASN A 112 -5.69 -25.34 19.41
N ASP A 113 -4.39 -25.19 19.63
CA ASP A 113 -3.89 -24.42 20.76
C ASP A 113 -3.34 -23.07 20.30
N ILE A 114 -2.72 -23.07 19.13
CA ILE A 114 -2.16 -21.85 18.55
C ILE A 114 -2.73 -21.62 17.15
N ILE A 115 -3.55 -20.60 17.01
CA ILE A 115 -4.19 -20.29 15.75
C ILE A 115 -3.65 -18.99 15.17
N ILE A 116 -3.07 -19.06 13.98
CA ILE A 116 -2.61 -17.86 13.27
C ILE A 116 -3.71 -17.43 12.30
N LEU A 117 -4.12 -16.17 12.39
CA LEU A 117 -5.27 -15.68 11.65
C LEU A 117 -4.97 -14.40 10.90
N THR A 118 -5.69 -14.18 9.81
CA THR A 118 -5.89 -12.84 9.28
C THR A 118 -7.14 -12.32 9.98
N PRO A 119 -7.07 -11.10 10.52
CA PRO A 119 -8.11 -10.55 11.41
C PRO A 119 -9.52 -10.56 10.82
N GLN A 120 -9.64 -10.32 9.51
CA GLN A 120 -10.94 -10.27 8.85
C GLN A 120 -11.74 -11.57 9.01
N ILE A 121 -11.02 -12.69 9.10
CA ILE A 121 -11.64 -13.98 9.39
C ILE A 121 -12.39 -13.90 10.71
N LEU A 122 -11.69 -13.45 11.75
CA LEU A 122 -12.26 -13.32 13.08
C LEU A 122 -13.38 -12.29 13.13
N VAL A 123 -13.23 -11.19 12.41
CA VAL A 123 -14.30 -10.19 12.31
C VAL A 123 -15.56 -10.83 11.74
N ASN A 124 -15.37 -11.54 10.63
CA ASN A 124 -16.46 -12.28 9.98
C ASN A 124 -17.14 -13.27 10.90
N ASN A 125 -16.37 -14.01 11.69
CA ASN A 125 -16.95 -15.03 12.56
C ASN A 125 -17.54 -14.52 13.87
N LEU A 126 -17.11 -13.33 14.29
CA LEU A 126 -17.74 -12.63 15.40
C LEU A 126 -19.07 -12.06 14.92
N LYS A 127 -19.07 -11.52 13.71
CA LYS A 127 -20.28 -10.97 13.10
C LYS A 127 -21.36 -12.02 12.90
N LYS A 128 -21.01 -13.13 12.25
CA LYS A 128 -21.95 -14.21 11.98
C LYS A 128 -22.28 -15.00 13.24
N GLY A 129 -21.56 -14.74 14.32
CA GLY A 129 -21.85 -15.37 15.60
C GLY A 129 -21.42 -16.81 15.71
N THR A 130 -20.66 -17.27 14.72
CA THR A 130 -20.11 -18.64 14.75
C THR A 130 -19.16 -18.76 15.93
N ILE A 131 -18.27 -17.80 16.06
CA ILE A 131 -17.47 -17.64 17.27
C ILE A 131 -18.18 -16.62 18.17
N PRO A 132 -18.80 -17.11 19.24
CA PRO A 132 -19.68 -16.34 20.12
C PRO A 132 -18.93 -15.30 20.94
N SER A 133 -17.82 -15.69 21.56
CA SER A 133 -17.07 -14.80 22.44
C SER A 133 -15.58 -14.92 22.23
N LEU A 134 -14.83 -13.87 22.60
CA LEU A 134 -13.38 -13.90 22.56
C LEU A 134 -12.82 -14.64 23.78
N SER A 135 -13.70 -15.29 24.52
CA SER A 135 -13.33 -15.96 25.75
C SER A 135 -12.70 -17.34 25.53
N ILE A 136 -12.82 -17.87 24.31
CA ILE A 136 -12.14 -19.12 23.97
C ILE A 136 -10.64 -18.90 23.80
N PHE A 137 -10.24 -17.64 23.65
CA PHE A 137 -8.84 -17.28 23.62
C PHE A 137 -8.41 -16.82 25.02
N THR A 138 -7.20 -17.19 25.41
CA THR A 138 -6.63 -16.75 26.70
C THR A 138 -5.54 -15.72 26.43
N LEU A 139 -5.10 -15.65 25.18
CA LEU A 139 -4.08 -14.69 24.77
C LEU A 139 -4.25 -14.27 23.32
N MET A 140 -4.20 -12.97 23.08
CA MET A 140 -4.26 -12.41 21.73
C MET A 140 -2.99 -11.65 21.40
N ILE A 141 -2.38 -11.95 20.26
CA ILE A 141 -1.18 -11.23 19.83
C ILE A 141 -1.45 -10.48 18.53
N PHE A 142 -1.31 -9.16 18.57
CA PHE A 142 -1.50 -8.34 17.38
C PHE A 142 -0.15 -7.96 16.76
N ASP A 143 0.10 -8.45 15.56
CA ASP A 143 1.29 -8.06 14.82
C ASP A 143 1.00 -6.75 14.12
N GLU A 144 1.97 -5.84 14.13
CA GLU A 144 1.76 -4.49 13.62
C GLU A 144 0.56 -3.83 14.31
N CYS A 145 0.62 -3.78 15.64
CA CYS A 145 -0.53 -3.40 16.46
C CYS A 145 -0.95 -1.94 16.32
N HIS A 146 -0.11 -1.12 15.70
CA HIS A 146 -0.42 0.30 15.52
C HIS A 146 -1.58 0.48 14.55
N ASN A 147 -1.93 -0.58 13.84
CA ASN A 147 -3.09 -0.55 12.96
C ASN A 147 -4.41 -0.65 13.73
N THR A 148 -4.32 -0.90 15.03
CA THR A 148 -5.52 -0.94 15.87
C THR A 148 -6.07 0.47 16.06
N SER A 149 -6.71 0.99 15.01
CA SER A 149 -7.27 2.34 15.01
C SER A 149 -8.35 2.45 13.93
N LYS A 150 -9.17 3.49 14.03
CA LYS A 150 -10.20 3.77 13.02
C LYS A 150 -11.14 2.58 12.77
N GLN A 151 -11.23 2.16 11.51
CA GLN A 151 -12.13 1.08 11.13
C GLN A 151 -11.39 -0.19 10.72
N HIS A 152 -10.12 -0.26 11.10
CA HIS A 152 -9.28 -1.43 10.83
C HIS A 152 -9.83 -2.65 11.57
N PRO A 153 -9.73 -3.84 10.95
CA PRO A 153 -10.19 -5.11 11.53
C PRO A 153 -9.71 -5.33 12.97
N TYR A 154 -8.46 -5.00 13.26
CA TYR A 154 -7.93 -5.05 14.62
C TYR A 154 -8.87 -4.31 15.57
N ASN A 155 -9.23 -3.11 15.17
CA ASN A 155 -10.06 -2.24 15.99
C ASN A 155 -11.47 -2.77 16.13
N MET A 156 -11.94 -3.52 15.15
CA MET A 156 -13.27 -4.14 15.22
C MET A 156 -13.27 -5.28 16.24
N ILE A 157 -12.25 -6.15 16.13
CA ILE A 157 -12.03 -7.21 17.10
C ILE A 157 -11.97 -6.63 18.51
N MET A 158 -11.20 -5.56 18.67
CA MET A 158 -11.10 -4.89 19.96
C MET A 158 -12.38 -4.14 20.37
N PHE A 159 -13.25 -3.86 19.40
CA PHE A 159 -14.57 -3.29 19.70
C PHE A 159 -15.40 -4.38 20.35
N ASN A 160 -15.29 -5.59 19.81
CA ASN A 160 -15.94 -6.74 20.43
C ASN A 160 -15.43 -6.95 21.86
N TYR A 161 -14.10 -7.04 21.98
CA TYR A 161 -13.44 -7.17 23.28
C TYR A 161 -13.94 -6.15 24.29
N LEU A 162 -13.86 -4.88 23.92
CA LEU A 162 -14.22 -3.78 24.82
C LEU A 162 -15.71 -3.71 25.11
N ASP A 163 -16.53 -4.13 24.15
CA ASP A 163 -17.96 -4.24 24.38
C ASP A 163 -18.20 -5.30 25.45
N GLN A 164 -17.43 -6.37 25.42
CA GLN A 164 -17.53 -7.40 26.45
C GLN A 164 -17.00 -6.92 27.81
N LYS A 165 -15.95 -6.11 27.80
CA LYS A 165 -15.33 -5.66 29.05
C LYS A 165 -16.13 -4.59 29.78
N LEU A 166 -16.57 -3.57 29.04
CA LEU A 166 -17.24 -2.42 29.63
C LEU A 166 -18.68 -2.74 30.02
N GLY A 167 -19.51 -3.07 29.04
CA GLY A 167 -20.81 -3.65 29.33
C GLY A 167 -20.54 -5.06 29.83
N GLY A 168 -20.10 -5.15 31.08
CA GLY A 168 -19.54 -6.36 31.65
C GLY A 168 -20.27 -7.64 31.35
N SER A 169 -19.52 -8.72 31.16
CA SER A 169 -20.12 -9.96 30.68
C SER A 169 -19.42 -11.24 31.15
N SER A 170 -19.66 -11.62 32.40
CA SER A 170 -19.42 -12.97 32.92
C SER A 170 -18.12 -13.67 32.53
N GLY A 171 -17.90 -13.85 31.23
CA GLY A 171 -16.74 -14.57 30.74
C GLY A 171 -15.43 -13.82 30.90
N PRO A 172 -14.32 -14.55 31.01
CA PRO A 172 -12.99 -13.93 31.14
C PRO A 172 -12.48 -13.42 29.81
N LEU A 173 -11.79 -12.28 29.82
CA LEU A 173 -11.18 -11.76 28.60
C LEU A 173 -9.74 -12.20 28.48
N PRO A 174 -9.30 -12.52 27.26
CA PRO A 174 -7.91 -12.92 27.04
C PRO A 174 -6.94 -11.77 27.32
N GLN A 175 -5.68 -12.11 27.55
CA GLN A 175 -4.63 -11.11 27.64
C GLN A 175 -4.37 -10.59 26.22
N VAL A 176 -4.10 -9.30 26.09
CA VAL A 176 -3.84 -8.71 24.78
C VAL A 176 -2.39 -8.24 24.65
N ILE A 177 -1.72 -8.68 23.60
CA ILE A 177 -0.33 -8.30 23.35
C ILE A 177 -0.19 -7.65 21.97
N GLY A 178 0.55 -6.54 21.90
CA GLY A 178 0.75 -5.86 20.65
C GLY A 178 2.23 -5.74 20.29
N LEU A 179 2.52 -5.91 19.00
CA LEU A 179 3.89 -5.81 18.51
C LEU A 179 3.97 -4.71 17.44
N THR A 180 4.89 -3.77 17.62
CA THR A 180 5.12 -2.74 16.62
C THR A 180 6.53 -2.17 16.72
N ALA A 181 6.90 -1.35 15.74
CA ALA A 181 8.18 -0.67 15.76
C ALA A 181 7.97 0.82 15.98
N SER A 182 6.73 1.26 15.77
CA SER A 182 6.37 2.65 15.97
C SER A 182 4.87 2.77 16.25
N VAL A 183 4.52 3.35 17.40
CA VAL A 183 3.13 3.50 17.78
C VAL A 183 2.46 4.65 17.02
N GLY A 184 3.27 5.57 16.52
CA GLY A 184 2.76 6.70 15.76
C GLY A 184 2.25 7.83 16.64
N VAL A 185 1.89 8.95 16.01
CA VAL A 185 1.38 10.11 16.74
C VAL A 185 0.19 10.75 16.04
N GLY A 186 -0.18 10.21 14.87
CA GLY A 186 -1.29 10.75 14.10
C GLY A 186 -1.04 12.17 13.63
N ASP A 187 -2.09 12.98 13.62
CA ASP A 187 -1.96 14.38 13.21
C ASP A 187 -1.53 15.29 14.37
N ALA A 188 -0.60 14.81 15.19
CA ALA A 188 -0.11 15.58 16.34
C ALA A 188 0.83 16.69 15.91
N LYS A 189 0.71 17.83 16.57
CA LYS A 189 1.57 18.98 16.34
C LYS A 189 2.22 19.40 17.65
N THR A 190 1.63 18.95 18.75
CA THR A 190 2.15 19.22 20.09
C THR A 190 2.41 17.89 20.81
N THR A 191 3.38 17.90 21.72
CA THR A 191 3.73 16.70 22.48
C THR A 191 2.54 16.17 23.28
N ASP A 192 1.65 17.08 23.70
CA ASP A 192 0.46 16.70 24.44
C ASP A 192 -0.51 15.92 23.57
N GLU A 193 -0.70 16.39 22.34
CA GLU A 193 -1.55 15.69 21.39
C GLU A 193 -0.97 14.31 21.06
N ALA A 194 0.35 14.24 20.98
CA ALA A 194 1.03 12.96 20.77
C ALA A 194 0.72 12.01 21.93
N LEU A 195 0.88 12.50 23.14
CA LEU A 195 0.56 11.71 24.34
C LEU A 195 -0.87 11.22 24.33
N ASP A 196 -1.79 12.10 23.93
CA ASP A 196 -3.20 11.75 23.86
C ASP A 196 -3.43 10.66 22.82
N TYR A 197 -2.75 10.76 21.68
CA TYR A 197 -2.87 9.75 20.63
C TYR A 197 -2.37 8.39 21.11
N ILE A 198 -1.21 8.39 21.75
CA ILE A 198 -0.60 7.16 22.25
C ILE A 198 -1.48 6.52 23.33
N CYS A 199 -2.01 7.34 24.22
CA CYS A 199 -2.94 6.88 25.24
C CYS A 199 -4.19 6.29 24.62
N LYS A 200 -4.65 6.92 23.52
CA LYS A 200 -5.81 6.42 22.80
C LYS A 200 -5.54 5.05 22.18
N LEU A 201 -4.35 4.88 21.62
CA LEU A 201 -3.95 3.59 21.06
C LEU A 201 -3.88 2.53 22.16
N CYS A 202 -3.33 2.90 23.31
CA CYS A 202 -3.27 2.00 24.45
C CYS A 202 -4.66 1.59 24.92
N ALA A 203 -5.59 2.55 24.88
CA ALA A 203 -6.96 2.30 25.28
C ALA A 203 -7.69 1.39 24.30
N SER A 204 -7.37 1.54 23.02
CA SER A 204 -7.97 0.71 21.98
C SER A 204 -7.53 -0.75 22.11
N LEU A 205 -6.34 -0.96 22.66
CA LEU A 205 -5.79 -2.29 22.82
C LEU A 205 -5.90 -2.78 24.26
N ASP A 206 -6.51 -1.96 25.12
CA ASP A 206 -6.65 -2.27 26.55
C ASP A 206 -5.29 -2.53 27.20
N ALA A 207 -4.26 -1.84 26.71
CA ALA A 207 -2.91 -2.02 27.23
C ALA A 207 -2.64 -1.10 28.42
N SER A 208 -1.94 -1.64 29.41
CA SER A 208 -1.55 -0.87 30.59
C SER A 208 -0.06 -0.64 30.63
N VAL A 209 0.67 -1.32 29.74
CA VAL A 209 2.13 -1.20 29.69
C VAL A 209 2.64 -1.03 28.26
N ILE A 210 3.51 -0.04 28.06
CA ILE A 210 4.31 0.04 26.84
C ILE A 210 5.71 -0.46 27.14
N ALA A 211 6.08 -1.60 26.57
CA ALA A 211 7.40 -2.17 26.81
C ALA A 211 8.41 -1.72 25.76
N THR A 212 9.40 -0.94 26.20
CA THR A 212 10.52 -0.57 25.35
C THR A 212 11.81 -0.99 26.02
N VAL A 213 12.89 -1.10 25.24
CA VAL A 213 14.20 -1.43 25.80
C VAL A 213 14.75 -0.23 26.57
N LYS A 214 15.15 -0.46 27.81
CA LYS A 214 15.70 0.60 28.65
C LYS A 214 17.04 0.19 29.24
N HIS A 215 17.06 -0.97 29.87
CA HIS A 215 18.22 -1.45 30.61
C HIS A 215 19.32 -1.98 29.71
N ASN A 216 18.94 -2.43 28.52
CA ASN A 216 19.89 -2.98 27.56
C ASN A 216 19.92 -2.17 26.27
N LEU A 217 19.88 -0.85 26.40
CA LEU A 217 19.86 0.05 25.25
C LEU A 217 21.15 -0.06 24.43
N GLU A 218 22.29 -0.11 25.10
CA GLU A 218 23.59 -0.21 24.45
C GLU A 218 23.64 -1.44 23.55
N GLU A 219 23.25 -2.57 24.13
CA GLU A 219 23.17 -3.85 23.43
C GLU A 219 22.28 -3.78 22.18
N LEU A 220 21.23 -2.98 22.26
CA LEU A 220 20.30 -2.81 21.14
C LEU A 220 20.89 -1.94 20.04
N GLU A 221 21.36 -0.76 20.42
CA GLU A 221 21.97 0.20 19.50
C GLU A 221 23.18 -0.38 18.80
N GLN A 222 23.81 -1.37 19.42
CA GLN A 222 24.97 -2.00 18.82
C GLN A 222 24.61 -2.84 17.58
N VAL A 223 23.33 -3.14 17.41
CA VAL A 223 22.88 -3.96 16.28
C VAL A 223 21.70 -3.35 15.52
N VAL A 224 21.46 -2.05 15.70
CA VAL A 224 20.34 -1.38 15.04
C VAL A 224 20.79 -0.40 13.95
N TYR A 225 20.22 -0.54 12.75
CA TYR A 225 20.55 0.34 11.64
C TYR A 225 20.05 1.76 11.87
N LYS A 226 20.92 2.60 12.44
CA LYS A 226 20.62 4.01 12.62
C LYS A 226 21.61 4.85 11.80
N PRO A 227 21.25 5.15 10.54
CA PRO A 227 22.16 5.89 9.67
C PRO A 227 22.19 7.37 10.02
N GLN A 228 23.33 8.01 9.77
CA GLN A 228 23.43 9.45 9.94
C GLN A 228 22.65 10.16 8.83
N LYS A 229 21.53 10.77 9.20
CA LYS A 229 20.65 11.42 8.23
C LYS A 229 21.20 12.76 7.77
N PHE A 230 21.35 12.92 6.45
CA PHE A 230 21.83 14.16 5.86
C PHE A 230 20.83 14.67 4.82
N PHE A 231 20.45 15.94 4.94
CA PHE A 231 19.56 16.56 3.97
C PHE A 231 20.28 17.63 3.19
N ARG A 232 20.18 17.58 1.86
CA ARG A 232 20.85 18.55 1.01
C ARG A 232 19.92 19.09 -0.07
N LYS A 233 19.48 20.33 0.11
CA LYS A 233 18.62 21.01 -0.85
C LYS A 233 19.45 21.50 -2.04
N VAL A 234 19.09 21.05 -3.24
CA VAL A 234 19.82 21.42 -4.44
C VAL A 234 18.96 22.28 -5.37
N GLU A 235 19.61 23.05 -6.24
CA GLU A 235 18.90 23.92 -7.16
C GLU A 235 18.83 23.33 -8.57
N SER A 236 17.73 23.61 -9.27
CA SER A 236 17.54 23.13 -10.63
C SER A 236 17.86 24.23 -11.65
N ARG A 237 17.90 23.86 -12.94
CA ARG A 237 18.15 24.82 -14.00
C ARG A 237 17.09 25.91 -14.01
N ILE A 238 17.47 27.11 -14.43
CA ILE A 238 16.51 28.18 -14.65
C ILE A 238 15.93 28.08 -16.07
N SER A 239 16.83 27.97 -17.04
CA SER A 239 16.40 27.86 -18.44
C SER A 239 16.46 26.42 -18.93
N ASP A 240 15.30 25.89 -19.31
CA ASP A 240 15.19 24.57 -19.90
C ASP A 240 14.34 24.67 -21.17
N LYS A 241 15.00 24.78 -22.31
CA LYS A 241 14.31 24.86 -23.59
C LYS A 241 13.99 23.46 -24.09
N PHE A 242 14.81 22.49 -23.67
CA PHE A 242 14.59 21.08 -23.97
C PHE A 242 13.17 20.68 -23.60
N LYS A 243 12.78 21.02 -22.37
CA LYS A 243 11.46 20.71 -21.85
C LYS A 243 10.36 21.42 -22.64
N TYR A 244 10.61 22.67 -23.04
CA TYR A 244 9.68 23.44 -23.86
C TYR A 244 9.40 22.72 -25.18
N ILE A 245 10.48 22.33 -25.86
CA ILE A 245 10.40 21.63 -27.14
C ILE A 245 9.68 20.28 -27.02
N ILE A 246 10.17 19.43 -26.12
CA ILE A 246 9.56 18.12 -25.91
C ILE A 246 8.07 18.27 -25.55
N ALA A 247 7.75 19.27 -24.74
CA ALA A 247 6.36 19.55 -24.37
C ALA A 247 5.53 19.91 -25.59
N GLN A 248 6.09 20.72 -26.48
CA GLN A 248 5.38 21.03 -27.72
C GLN A 248 5.13 19.76 -28.54
N LEU A 249 6.15 18.91 -28.61
CA LEU A 249 6.00 17.62 -29.29
C LEU A 249 4.85 16.81 -28.69
N MET A 250 4.76 16.81 -27.36
CA MET A 250 3.73 16.06 -26.65
C MET A 250 2.34 16.63 -26.88
N ARG A 251 2.25 17.96 -26.98
CA ARG A 251 0.99 18.60 -27.33
C ARG A 251 0.57 18.17 -28.74
N ASP A 252 1.52 18.21 -29.67
CA ASP A 252 1.27 17.73 -31.03
C ASP A 252 0.75 16.29 -31.04
N THR A 253 1.41 15.43 -30.28
CA THR A 253 1.05 14.01 -30.23
C THR A 253 -0.33 13.78 -29.61
N GLU A 254 -0.65 14.55 -28.57
CA GLU A 254 -1.97 14.46 -27.93
C GLU A 254 -3.08 14.98 -28.83
N SER A 255 -2.77 16.00 -29.63
CA SER A 255 -3.72 16.49 -30.62
C SER A 255 -3.97 15.43 -31.69
N LEU A 256 -2.88 14.85 -32.17
CA LEU A 256 -2.93 13.74 -33.13
C LEU A 256 -3.76 12.58 -32.60
N ALA A 257 -3.65 12.32 -31.30
CA ALA A 257 -4.41 11.26 -30.65
C ALA A 257 -5.88 11.63 -30.55
N LYS A 258 -6.15 12.90 -30.26
CA LYS A 258 -7.52 13.39 -30.17
C LYS A 258 -8.21 13.40 -31.52
N ARG A 259 -7.42 13.42 -32.59
CA ARG A 259 -7.96 13.33 -33.95
C ARG A 259 -8.66 11.99 -34.20
N ILE A 260 -8.16 10.93 -33.57
CA ILE A 260 -8.73 9.60 -33.76
C ILE A 260 -9.57 9.17 -32.55
N CYS A 261 -9.54 9.99 -31.50
CA CYS A 261 -10.32 9.72 -30.30
C CYS A 261 -10.79 11.01 -29.63
N LYS A 262 -11.94 11.52 -30.07
CA LYS A 262 -12.55 12.66 -29.41
C LYS A 262 -12.97 12.23 -28.01
N ASP A 263 -13.03 13.17 -27.08
CA ASP A 263 -13.32 12.87 -25.67
C ASP A 263 -12.26 11.94 -25.09
N LEU A 264 -11.03 12.08 -25.58
CA LEU A 264 -9.87 11.44 -24.98
C LEU A 264 -9.68 12.01 -23.59
N GLU A 265 -10.08 13.27 -23.44
CA GLU A 265 -9.94 14.01 -22.19
C GLU A 265 -10.79 13.41 -21.06
N ASN A 266 -11.85 12.68 -21.42
CA ASN A 266 -12.69 12.02 -20.44
C ASN A 266 -12.63 10.50 -20.55
N LEU A 267 -11.49 10.00 -21.01
CA LEU A 267 -11.29 8.56 -21.17
C LEU A 267 -10.63 7.97 -19.92
N SER A 268 -9.86 8.81 -19.22
CA SER A 268 -9.27 8.43 -17.94
C SER A 268 -9.86 9.32 -16.85
N GLN A 269 -9.80 8.85 -15.61
CA GLN A 269 -10.31 9.61 -14.48
C GLN A 269 -9.24 10.48 -13.84
N ILE A 270 -7.98 10.20 -14.18
CA ILE A 270 -6.86 11.01 -13.71
C ILE A 270 -6.97 12.42 -14.28
N GLN A 271 -6.86 13.42 -13.42
CA GLN A 271 -7.15 14.80 -13.82
C GLN A 271 -5.95 15.73 -13.74
N ASN A 272 -5.95 16.75 -14.59
CA ASN A 272 -4.92 17.78 -14.59
C ASN A 272 -3.51 17.22 -14.70
N ARG A 273 -3.31 16.34 -15.68
CA ARG A 273 -2.00 15.74 -15.92
C ARG A 273 -1.00 16.82 -16.35
N GLU A 274 0.27 16.60 -16.01
CA GLU A 274 1.34 17.50 -16.43
C GLU A 274 2.49 16.70 -17.04
N PHE A 275 3.18 17.29 -18.01
CA PHE A 275 4.27 16.61 -18.71
C PHE A 275 5.48 16.39 -17.80
N GLY A 276 6.13 15.24 -17.96
CA GLY A 276 7.31 14.92 -17.17
C GLY A 276 7.00 14.60 -15.71
N THR A 277 5.90 13.88 -15.48
CA THR A 277 5.54 13.44 -14.13
C THR A 277 5.12 11.97 -14.14
N GLN A 278 5.10 11.34 -12.97
CA GLN A 278 4.68 9.95 -12.85
C GLN A 278 3.16 9.83 -12.98
N LYS A 279 2.46 10.89 -12.64
CA LYS A 279 1.00 10.93 -12.73
C LYS A 279 0.57 10.87 -14.20
N TYR A 280 1.37 11.49 -15.06
CA TYR A 280 1.13 11.45 -16.49
C TYR A 280 1.35 10.03 -17.00
N GLU A 281 2.36 9.37 -16.45
CA GLU A 281 2.65 7.98 -16.76
C GLU A 281 1.43 7.14 -16.42
N GLN A 282 0.90 7.36 -15.22
CA GLN A 282 -0.30 6.67 -14.76
C GLN A 282 -1.49 6.94 -15.68
N TRP A 283 -1.61 8.17 -16.15
CA TRP A 283 -2.66 8.54 -17.09
C TRP A 283 -2.54 7.74 -18.39
N ILE A 284 -1.32 7.64 -18.90
CA ILE A 284 -1.05 6.79 -20.06
C ILE A 284 -1.49 5.35 -19.79
N VAL A 285 -1.13 4.84 -18.63
CA VAL A 285 -1.51 3.47 -18.24
C VAL A 285 -3.02 3.26 -18.23
N THR A 286 -3.77 4.17 -17.60
CA THR A 286 -5.22 4.07 -17.54
C THR A 286 -5.87 4.21 -18.91
N VAL A 287 -5.32 5.08 -19.74
CA VAL A 287 -5.83 5.27 -21.10
C VAL A 287 -5.64 4.01 -21.94
N GLN A 288 -4.44 3.42 -21.89
CA GLN A 288 -4.18 2.15 -22.58
C GLN A 288 -5.08 1.05 -22.03
N LYS A 289 -5.32 1.11 -20.72
CA LYS A 289 -6.19 0.15 -20.04
C LYS A 289 -7.61 0.26 -20.56
N ALA A 290 -8.10 1.49 -20.64
CA ALA A 290 -9.47 1.77 -21.07
C ALA A 290 -9.63 1.73 -22.59
N CYS A 291 -8.81 0.92 -23.25
CA CYS A 291 -8.87 0.78 -24.71
C CYS A 291 -8.11 -0.47 -25.15
N MET A 292 -8.64 -1.64 -24.78
CA MET A 292 -8.00 -2.92 -25.10
C MET A 292 -8.00 -3.23 -26.60
N VAL A 293 -6.90 -3.79 -27.07
CA VAL A 293 -6.72 -4.05 -28.50
C VAL A 293 -6.90 -5.53 -28.83
N ASP A 300 -12.73 -5.48 -32.64
CA ASP A 300 -12.84 -5.65 -34.09
C ASP A 300 -12.47 -4.36 -34.81
N GLU A 301 -13.46 -3.48 -34.98
CA GLU A 301 -13.23 -2.19 -35.61
C GLU A 301 -12.62 -1.20 -34.61
N GLU A 302 -13.01 -1.34 -33.35
CA GLU A 302 -12.49 -0.48 -32.29
C GLU A 302 -11.03 -0.79 -31.98
N SER A 303 -10.63 -2.03 -32.26
CA SER A 303 -9.28 -2.49 -31.96
C SER A 303 -8.21 -1.78 -32.79
N ARG A 304 -8.58 -1.38 -34.01
CA ARG A 304 -7.66 -0.63 -34.88
C ARG A 304 -7.42 0.75 -34.29
N ILE A 305 -8.52 1.43 -33.97
CA ILE A 305 -8.50 2.73 -33.32
C ILE A 305 -7.65 2.66 -32.06
N CYS A 306 -7.85 1.60 -31.28
CA CYS A 306 -7.11 1.41 -30.03
C CYS A 306 -5.64 1.09 -30.27
N LYS A 307 -5.32 0.52 -31.42
CA LYS A 307 -3.92 0.24 -31.77
C LYS A 307 -3.21 1.54 -32.11
N ALA A 308 -3.85 2.35 -32.93
CA ALA A 308 -3.32 3.69 -33.24
C ALA A 308 -3.12 4.50 -31.96
N LEU A 309 -4.18 4.56 -31.16
CA LEU A 309 -4.15 5.23 -29.87
C LEU A 309 -3.01 4.69 -29.01
N PHE A 310 -2.77 3.39 -29.12
CA PHE A 310 -1.67 2.74 -28.40
C PHE A 310 -0.32 3.28 -28.86
N LEU A 311 -0.14 3.40 -30.17
CA LEU A 311 1.10 3.96 -30.70
C LEU A 311 1.33 5.36 -30.15
N TYR A 312 0.31 6.20 -30.30
CA TYR A 312 0.38 7.58 -29.79
C TYR A 312 0.76 7.63 -28.30
N THR A 313 0.05 6.86 -27.47
CA THR A 313 0.33 6.82 -26.04
C THR A 313 1.72 6.28 -25.71
N SER A 314 2.20 5.35 -26.51
CA SER A 314 3.55 4.80 -26.33
C SER A 314 4.58 5.90 -26.53
N HIS A 315 4.46 6.60 -27.66
CA HIS A 315 5.38 7.72 -27.90
C HIS A 315 5.30 8.80 -26.83
N LEU A 316 4.08 9.13 -26.40
CA LEU A 316 3.88 10.04 -25.28
C LEU A 316 4.63 9.58 -24.02
N ARG A 317 4.58 8.27 -23.75
CA ARG A 317 5.27 7.67 -22.62
C ARG A 317 6.77 7.88 -22.74
N LYS A 318 7.32 7.58 -23.92
CA LYS A 318 8.75 7.81 -24.14
C LYS A 318 9.13 9.27 -23.91
N TYR A 319 8.32 10.18 -24.42
CA TYR A 319 8.54 11.62 -24.20
C TYR A 319 8.55 12.00 -22.72
N ASN A 320 7.58 11.48 -21.96
CA ASN A 320 7.51 11.69 -20.52
C ASN A 320 8.79 11.21 -19.82
N ASP A 321 9.18 9.98 -20.12
CA ASP A 321 10.42 9.41 -19.63
C ASP A 321 11.59 10.35 -19.87
N ALA A 322 11.73 10.79 -21.12
CA ALA A 322 12.82 11.70 -21.51
C ALA A 322 12.78 13.00 -20.70
N LEU A 323 11.59 13.53 -20.50
CA LEU A 323 11.44 14.72 -19.66
C LEU A 323 11.96 14.50 -18.24
N ILE A 324 11.63 13.33 -17.67
CA ILE A 324 12.13 12.99 -16.33
C ILE A 324 13.66 12.88 -16.29
N ILE A 325 14.22 12.11 -17.24
CA ILE A 325 15.67 11.97 -17.36
C ILE A 325 16.36 13.32 -17.47
N SER A 326 15.79 14.21 -18.28
CA SER A 326 16.31 15.56 -18.43
C SER A 326 16.22 16.32 -17.12
N GLU A 327 15.15 16.08 -16.37
CA GLU A 327 14.96 16.75 -15.09
C GLU A 327 16.04 16.35 -14.09
N HIS A 328 16.43 15.08 -14.09
CA HIS A 328 17.38 14.63 -13.05
C HIS A 328 18.79 14.23 -13.48
N ALA A 329 18.96 13.85 -14.76
CA ALA A 329 20.30 13.65 -15.31
C ALA A 329 20.64 14.85 -16.19
N ARG A 330 21.24 14.60 -17.36
CA ARG A 330 21.49 15.68 -18.31
C ARG A 330 20.71 15.48 -19.62
N MET A 331 20.49 16.60 -20.32
CA MET A 331 19.72 16.60 -21.57
C MET A 331 20.23 15.58 -22.57
N LYS A 332 21.55 15.41 -22.60
CA LYS A 332 22.18 14.42 -23.47
C LYS A 332 21.62 13.02 -23.24
N ASP A 333 21.40 12.66 -21.98
CA ASP A 333 20.83 11.36 -21.65
C ASP A 333 19.42 11.20 -22.19
N ALA A 334 18.59 12.21 -21.98
CA ALA A 334 17.21 12.19 -22.46
C ALA A 334 17.17 12.04 -23.98
N LEU A 335 17.93 12.88 -24.67
CA LEU A 335 17.97 12.87 -26.12
C LEU A 335 18.53 11.55 -26.65
N ASP A 336 19.50 10.98 -25.95
CA ASP A 336 20.05 9.67 -26.31
C ASP A 336 19.00 8.58 -26.18
N TYR A 337 18.24 8.63 -25.09
CA TYR A 337 17.14 7.71 -24.84
C TYR A 337 16.12 7.77 -25.98
N LEU A 338 15.68 8.98 -26.28
CA LEU A 338 14.76 9.22 -27.38
C LEU A 338 15.31 8.69 -28.70
N LYS A 339 16.59 8.94 -28.97
CA LYS A 339 17.21 8.50 -30.22
C LYS A 339 17.27 6.98 -30.34
N ASP A 340 17.61 6.30 -29.26
CA ASP A 340 17.55 4.84 -29.24
C ASP A 340 16.14 4.37 -29.54
N PHE A 341 15.16 4.96 -28.85
CA PHE A 341 13.77 4.58 -29.08
C PHE A 341 13.35 4.71 -30.54
N PHE A 342 13.58 5.89 -31.11
CA PHE A 342 13.17 6.17 -32.49
C PHE A 342 13.95 5.35 -33.52
N SER A 343 15.20 5.05 -33.21
CA SER A 343 15.99 4.17 -34.07
C SER A 343 15.36 2.77 -34.07
N ASN A 344 14.99 2.32 -32.88
CA ASN A 344 14.34 1.02 -32.72
C ASN A 344 12.98 0.96 -33.42
N VAL A 345 12.23 2.06 -33.37
CA VAL A 345 10.94 2.17 -34.04
C VAL A 345 11.11 2.16 -35.56
N ARG A 346 12.13 2.87 -36.04
CA ARG A 346 12.44 2.91 -37.46
C ARG A 346 12.82 1.53 -37.96
N ALA A 347 13.59 0.81 -37.14
CA ALA A 347 14.01 -0.55 -37.45
C ALA A 347 12.85 -1.51 -37.61
N ALA A 348 12.34 -2.02 -36.50
CA ALA A 348 11.34 -3.09 -36.52
C ALA A 348 9.90 -2.60 -36.74
N GLY A 349 9.62 -2.11 -37.95
CA GLY A 349 8.26 -1.75 -38.31
C GLY A 349 8.08 -0.35 -38.86
N PHE A 350 7.73 -0.27 -40.14
CA PHE A 350 7.35 1.01 -40.75
C PHE A 350 5.84 1.11 -40.94
N ASP A 351 5.19 1.93 -40.11
CA ASP A 351 3.76 2.18 -40.22
C ASP A 351 3.54 3.65 -40.52
N GLU A 352 2.37 3.97 -41.08
CA GLU A 352 2.01 5.35 -41.41
C GLU A 352 2.17 6.27 -40.20
N ILE A 353 1.43 5.95 -39.14
CA ILE A 353 1.46 6.71 -37.90
C ILE A 353 2.85 6.82 -37.29
N GLU A 354 3.54 5.68 -37.16
CA GLU A 354 4.88 5.66 -36.59
C GLU A 354 5.85 6.54 -37.38
N GLN A 355 5.98 6.29 -38.68
CA GLN A 355 6.87 7.09 -39.52
C GLN A 355 6.53 8.56 -39.46
N ASP A 356 5.24 8.88 -39.44
CA ASP A 356 4.80 10.26 -39.23
C ASP A 356 5.35 10.82 -37.91
N LEU A 357 5.30 10.00 -36.86
CA LEU A 357 5.79 10.40 -35.54
C LEU A 357 7.30 10.66 -35.51
N THR A 358 8.09 9.70 -36.00
CA THR A 358 9.54 9.86 -36.05
C THR A 358 9.91 11.05 -36.92
N GLN A 359 9.11 11.28 -37.95
CA GLN A 359 9.31 12.42 -38.84
C GLN A 359 9.07 13.74 -38.12
N ARG A 360 8.00 13.81 -37.35
CA ARG A 360 7.69 15.01 -36.57
C ARG A 360 8.74 15.20 -35.48
N PHE A 361 9.38 14.11 -35.06
CA PHE A 361 10.46 14.19 -34.08
C PHE A 361 11.73 14.74 -34.72
N GLU A 362 12.02 14.30 -35.94
CA GLU A 362 13.26 14.66 -36.63
C GLU A 362 13.28 16.11 -37.11
N GLU A 363 12.12 16.74 -37.18
CA GLU A 363 12.04 18.15 -37.53
C GLU A 363 12.48 19.03 -36.36
N LYS A 364 12.73 18.39 -35.22
CA LYS A 364 13.13 19.08 -33.99
C LYS A 364 14.48 18.62 -33.46
N LEU A 365 15.05 17.59 -34.08
CA LEU A 365 16.27 16.94 -33.59
C LEU A 365 17.46 17.89 -33.44
N GLN A 366 17.64 18.77 -34.43
CA GLN A 366 18.80 19.67 -34.45
C GLN A 366 18.76 20.69 -33.31
N GLU A 367 17.60 21.30 -33.10
CA GLU A 367 17.41 22.29 -32.05
C GLU A 367 17.56 21.64 -30.68
N LEU A 368 17.05 20.42 -30.55
CA LEU A 368 17.21 19.64 -29.33
C LEU A 368 18.68 19.33 -29.07
N GLU A 369 19.41 19.05 -30.15
CA GLU A 369 20.83 18.76 -30.09
C GLU A 369 21.57 19.99 -29.58
N SER A 370 21.24 21.13 -30.15
CA SER A 370 21.84 22.41 -29.78
C SER A 370 21.58 22.78 -28.33
N VAL A 371 20.33 22.65 -27.89
CA VAL A 371 19.95 22.91 -26.50
C VAL A 371 20.67 21.95 -25.56
N SER A 372 20.81 20.70 -26.00
CA SER A 372 21.51 19.67 -25.25
C SER A 372 22.97 20.03 -25.00
N ARG A 373 23.71 20.24 -26.08
CA ARG A 373 25.15 20.49 -25.98
C ARG A 373 25.52 21.85 -25.40
N ASP A 374 24.52 22.72 -25.20
CA ASP A 374 24.72 24.03 -24.60
C ASP A 374 25.17 23.88 -23.14
N PRO A 375 26.40 24.30 -22.83
CA PRO A 375 26.98 24.17 -21.50
C PRO A 375 26.31 25.05 -20.43
N SER A 376 25.38 25.91 -20.83
CA SER A 376 24.60 26.69 -19.88
C SER A 376 23.35 25.93 -19.46
N ASN A 377 23.06 24.85 -20.19
CA ASN A 377 21.92 24.00 -19.90
C ASN A 377 22.32 22.77 -19.07
N GLU A 378 23.56 22.75 -18.61
CA GLU A 378 24.06 21.65 -17.80
C GLU A 378 23.31 21.59 -16.47
N ASN A 379 23.32 20.42 -15.82
CA ASN A 379 22.53 20.18 -14.62
C ASN A 379 23.33 20.38 -13.33
N PRO A 380 22.93 21.37 -12.51
CA PRO A 380 23.60 21.74 -11.27
C PRO A 380 23.58 20.66 -10.19
N LYS A 381 22.52 19.84 -10.17
CA LYS A 381 22.35 18.82 -9.13
C LYS A 381 23.43 17.74 -9.20
N LEU A 382 23.83 17.38 -10.41
CA LEU A 382 24.86 16.37 -10.63
C LEU A 382 26.22 16.81 -10.07
N GLU A 383 26.44 18.12 -9.99
CA GLU A 383 27.65 18.65 -9.37
C GLU A 383 27.61 18.38 -7.87
N ASP A 384 26.46 18.63 -7.26
CA ASP A 384 26.28 18.36 -5.84
C ASP A 384 26.48 16.88 -5.53
N LEU A 385 25.84 16.03 -6.34
CA LEU A 385 25.99 14.58 -6.21
C LEU A 385 27.46 14.18 -6.29
N CYS A 386 28.11 14.59 -7.38
CA CYS A 386 29.52 14.34 -7.62
C CYS A 386 30.37 14.73 -6.41
N PHE A 387 30.12 15.91 -5.87
CA PHE A 387 30.89 16.39 -4.72
C PHE A 387 30.65 15.55 -3.46
N ILE A 388 29.40 15.17 -3.24
CA ILE A 388 29.09 14.27 -2.12
C ILE A 388 29.90 12.99 -2.25
N LEU A 389 29.87 12.42 -3.45
CA LEU A 389 30.62 11.19 -3.72
C LEU A 389 32.12 11.34 -3.46
N GLN A 390 32.73 12.38 -4.04
CA GLN A 390 34.14 12.68 -3.80
C GLN A 390 34.44 12.78 -2.32
N GLU A 391 33.70 13.64 -1.63
CA GLU A 391 33.91 13.87 -0.20
C GLU A 391 33.82 12.58 0.62
N GLU A 392 32.83 11.76 0.33
CA GLU A 392 32.68 10.52 1.07
C GLU A 392 33.78 9.50 0.77
N TYR A 393 34.21 9.42 -0.48
CA TYR A 393 35.22 8.43 -0.87
C TYR A 393 36.66 8.86 -0.60
N HIS A 394 36.95 10.15 -0.78
CA HIS A 394 38.29 10.67 -0.51
C HIS A 394 38.61 10.64 0.98
N LEU A 395 37.63 10.22 1.77
CA LEU A 395 37.85 9.87 3.17
C LEU A 395 37.96 8.36 3.29
N ASN A 396 36.82 7.68 3.28
CA ASN A 396 36.78 6.22 3.30
C ASN A 396 36.57 5.65 1.89
N PRO A 397 37.64 5.09 1.30
CA PRO A 397 37.67 4.62 -0.10
C PRO A 397 37.11 3.21 -0.29
N GLU A 398 37.10 2.40 0.76
CA GLU A 398 36.52 1.07 0.69
C GLU A 398 35.01 1.14 0.93
N THR A 399 34.44 2.29 0.61
CA THR A 399 33.02 2.54 0.80
C THR A 399 32.19 1.91 -0.30
N ILE A 400 31.16 1.15 0.09
CA ILE A 400 30.20 0.62 -0.86
C ILE A 400 28.90 1.41 -0.77
N THR A 401 28.45 1.93 -1.91
CA THR A 401 27.35 2.88 -1.93
C THR A 401 26.14 2.34 -2.70
N ILE A 402 24.94 2.54 -2.16
CA ILE A 402 23.73 2.31 -2.92
C ILE A 402 23.01 3.64 -3.19
N LEU A 403 22.61 3.84 -4.43
CA LEU A 403 21.99 5.08 -4.86
C LEU A 403 20.59 4.85 -5.40
N PHE A 404 19.60 5.53 -4.84
CA PHE A 404 18.23 5.36 -5.26
C PHE A 404 17.74 6.50 -6.17
N VAL A 405 17.31 6.12 -7.36
CA VAL A 405 16.69 7.05 -8.31
C VAL A 405 15.26 6.55 -8.54
N LYS A 406 14.46 7.32 -9.28
CA LYS A 406 13.02 7.04 -9.33
C LYS A 406 12.49 6.36 -10.60
N THR A 407 13.35 6.21 -11.61
CA THR A 407 12.97 5.46 -12.82
C THR A 407 14.07 4.51 -13.29
N ARG A 408 13.68 3.49 -14.04
CA ARG A 408 14.63 2.55 -14.65
C ARG A 408 15.59 3.25 -15.59
N ALA A 409 15.10 4.28 -16.28
CA ALA A 409 15.90 4.99 -17.26
C ALA A 409 16.93 5.91 -16.59
N LEU A 410 16.54 6.47 -15.45
CA LEU A 410 17.43 7.31 -14.66
C LEU A 410 18.59 6.52 -14.08
N VAL A 411 18.42 5.20 -13.95
CA VAL A 411 19.50 4.32 -13.52
C VAL A 411 20.62 4.33 -14.56
N ASP A 412 20.25 4.02 -15.80
CA ASP A 412 21.21 4.01 -16.90
C ASP A 412 21.77 5.41 -17.16
N ALA A 413 20.93 6.43 -17.01
CA ALA A 413 21.37 7.81 -17.13
C ALA A 413 22.49 8.11 -16.12
N LEU A 414 22.20 7.88 -14.85
CA LEU A 414 23.17 8.08 -13.77
C LEU A 414 24.45 7.27 -13.99
N LYS A 415 24.31 6.03 -14.45
CA LYS A 415 25.45 5.16 -14.68
C LYS A 415 26.37 5.72 -15.78
N ASN A 416 25.77 6.04 -16.92
CA ASN A 416 26.50 6.66 -18.03
C ASN A 416 27.19 7.95 -17.60
N TRP A 417 26.46 8.76 -16.83
CA TRP A 417 27.00 10.00 -16.30
C TRP A 417 28.22 9.78 -15.41
N ILE A 418 28.14 8.76 -14.55
CA ILE A 418 29.25 8.40 -13.66
C ILE A 418 30.48 7.93 -14.44
N GLU A 419 30.28 6.92 -15.28
CA GLU A 419 31.38 6.33 -16.06
C GLU A 419 32.05 7.34 -16.97
N GLY A 420 31.38 8.48 -17.19
CA GLY A 420 31.91 9.52 -18.04
C GLY A 420 32.36 10.77 -17.31
N ASN A 421 32.35 10.72 -15.98
CA ASN A 421 32.81 11.85 -15.18
C ASN A 421 34.22 11.64 -14.67
N PRO A 422 35.18 12.44 -15.18
CA PRO A 422 36.59 12.41 -14.78
C PRO A 422 36.78 12.50 -13.28
N LYS A 423 35.93 13.30 -12.62
CA LYS A 423 35.98 13.50 -11.18
C LYS A 423 35.48 12.27 -10.41
N LEU A 424 34.93 11.31 -11.15
CA LEU A 424 34.37 10.10 -10.56
C LEU A 424 35.07 8.84 -11.11
N SER A 425 36.29 9.01 -11.60
CA SER A 425 37.04 7.93 -12.23
C SER A 425 37.34 6.75 -11.30
N PHE A 426 37.24 6.99 -9.99
CA PHE A 426 37.55 5.96 -9.00
C PHE A 426 36.40 4.99 -8.77
N LEU A 427 35.24 5.31 -9.33
CA LEU A 427 34.02 4.52 -9.11
C LEU A 427 33.81 3.43 -10.17
N LYS A 428 33.21 2.32 -9.75
CA LYS A 428 32.84 1.24 -10.68
C LYS A 428 31.40 0.81 -10.42
N PRO A 429 30.45 1.49 -11.07
CA PRO A 429 28.99 1.35 -10.88
C PRO A 429 28.41 0.04 -11.38
N GLY A 430 27.39 -0.46 -10.69
CA GLY A 430 26.69 -1.67 -11.08
C GLY A 430 25.19 -1.58 -10.83
N ILE A 431 24.40 -2.19 -11.69
CA ILE A 431 22.94 -2.16 -11.57
C ILE A 431 22.43 -3.43 -10.88
N HIS A 464 31.20 -7.99 -6.17
CA HIS A 464 32.23 -7.47 -5.29
C HIS A 464 33.04 -6.36 -5.97
N ASN A 465 33.22 -6.48 -7.28
CA ASN A 465 33.95 -5.48 -8.05
C ASN A 465 33.03 -4.31 -8.44
N ILE A 466 32.10 -3.99 -7.56
CA ILE A 466 31.14 -2.91 -7.80
C ILE A 466 31.06 -2.00 -6.58
N LEU A 467 31.46 -0.75 -6.77
CA LEU A 467 31.47 0.23 -5.68
C LEU A 467 30.08 0.79 -5.41
N ILE A 468 29.34 1.04 -6.48
CA ILE A 468 28.03 1.66 -6.40
C ILE A 468 26.95 0.79 -7.00
N ALA A 469 25.91 0.51 -6.23
CA ALA A 469 24.72 -0.14 -6.75
C ALA A 469 23.64 0.90 -6.99
N THR A 470 23.32 1.17 -8.25
CA THR A 470 22.26 2.10 -8.60
C THR A 470 20.97 1.33 -8.84
N SER A 471 19.90 1.73 -8.18
CA SER A 471 18.65 0.97 -8.25
C SER A 471 17.39 1.81 -8.06
N VAL A 472 16.24 1.15 -8.06
CA VAL A 472 14.94 1.82 -7.96
C VAL A 472 14.21 1.43 -6.67
N ALA A 473 14.21 0.13 -6.35
CA ALA A 473 13.55 -0.37 -5.15
C ALA A 473 14.25 -1.62 -4.62
N ASP A 474 13.88 -2.05 -3.42
CA ASP A 474 14.47 -3.23 -2.81
C ASP A 474 13.42 -4.11 -2.14
N ALA A 480 21.51 -2.29 4.24
CA ALA A 480 21.85 -2.53 5.64
C ALA A 480 23.36 -2.68 5.81
N GLN A 481 23.96 -3.53 4.97
CA GLN A 481 25.41 -3.66 4.96
C GLN A 481 26.03 -2.59 4.06
N CYS A 482 25.18 -1.70 3.55
CA CYS A 482 25.62 -0.54 2.79
C CYS A 482 25.93 0.63 3.73
N ASN A 483 27.18 1.08 3.70
CA ASN A 483 27.64 2.13 4.58
C ASN A 483 27.36 3.55 4.06
N LEU A 484 27.01 3.63 2.77
CA LEU A 484 26.57 4.89 2.19
C LEU A 484 25.26 4.67 1.42
N VAL A 485 24.24 5.43 1.79
CA VAL A 485 22.97 5.43 1.08
C VAL A 485 22.66 6.85 0.60
N ILE A 486 22.36 6.98 -0.69
CA ILE A 486 21.96 8.28 -1.24
C ILE A 486 20.60 8.17 -1.93
N LEU A 487 19.68 9.05 -1.55
CA LEU A 487 18.38 9.12 -2.19
C LEU A 487 18.34 10.31 -3.13
N TYR A 488 18.90 10.14 -4.33
CA TYR A 488 18.97 11.21 -5.31
C TYR A 488 17.60 11.46 -5.94
N GLU A 489 16.89 12.45 -5.40
CA GLU A 489 15.55 12.79 -5.85
C GLU A 489 14.65 11.56 -5.85
N TYR A 490 14.50 10.93 -4.69
CA TYR A 490 13.83 9.64 -4.60
C TYR A 490 12.51 9.68 -3.83
N VAL A 491 11.62 8.75 -4.16
CA VAL A 491 10.34 8.62 -3.46
C VAL A 491 10.42 7.56 -2.38
N VAL A 494 11.91 6.56 1.80
CA VAL A 494 11.59 5.18 2.13
C VAL A 494 12.84 4.40 2.52
N ILE A 495 13.14 4.38 3.81
CA ILE A 495 14.31 3.69 4.32
C ILE A 495 13.94 2.65 5.37
N LYS A 496 12.87 1.90 5.10
CA LYS A 496 12.39 0.89 6.04
C LYS A 496 12.79 -0.52 5.60
N MET A 497 13.77 -1.09 6.31
CA MET A 497 14.25 -2.44 6.02
C MET A 497 15.10 -2.98 7.16
N ARG A 507 28.20 -0.65 9.79
CA ARG A 507 29.00 -0.50 11.01
C ARG A 507 29.47 0.94 11.19
N GLY A 508 28.78 1.87 10.55
CA GLY A 508 29.13 3.28 10.59
C GLY A 508 28.62 3.96 9.34
N SER A 509 27.29 3.98 9.20
CA SER A 509 26.67 4.37 7.94
C SER A 509 25.90 5.68 8.00
N LYS A 510 25.73 6.31 6.85
CA LYS A 510 24.99 7.56 6.73
C LYS A 510 24.07 7.56 5.52
N CYS A 511 23.02 8.38 5.58
CA CYS A 511 22.06 8.47 4.48
C CYS A 511 21.92 9.91 4.01
N PHE A 512 22.03 10.12 2.70
CA PHE A 512 21.86 11.45 2.13
C PHE A 512 20.52 11.57 1.41
N LEU A 513 19.91 12.75 1.52
CA LEU A 513 18.69 13.03 0.79
C LEU A 513 18.90 14.27 -0.08
N LEU A 514 19.16 14.03 -1.36
CA LEU A 514 19.32 15.10 -2.34
C LEU A 514 18.01 15.37 -3.05
N THR A 515 17.51 16.60 -2.96
CA THR A 515 16.30 16.97 -3.66
C THR A 515 16.24 18.47 -3.96
N SER A 516 15.57 18.82 -5.04
CA SER A 516 15.32 20.20 -5.39
C SER A 516 14.00 20.66 -4.80
N ASN A 517 13.22 19.69 -4.32
CA ASN A 517 11.94 19.98 -3.69
C ASN A 517 12.09 20.24 -2.19
N ALA A 518 11.63 21.41 -1.75
CA ALA A 518 11.71 21.79 -0.34
C ALA A 518 10.68 21.04 0.50
N GLY A 519 9.56 20.68 -0.11
CA GLY A 519 8.49 19.97 0.57
C GLY A 519 8.88 18.60 1.07
N VAL A 520 9.82 17.96 0.37
CA VAL A 520 10.36 16.67 0.80
C VAL A 520 11.19 16.82 2.07
N ILE A 521 12.07 17.83 2.06
CA ILE A 521 12.86 18.18 3.24
C ILE A 521 11.95 18.47 4.43
N GLU A 522 10.94 19.31 4.19
CA GLU A 522 9.95 19.63 5.20
C GLU A 522 9.32 18.37 5.76
N LYS A 523 8.78 17.54 4.87
CA LYS A 523 8.16 16.27 5.24
C LYS A 523 9.07 15.43 6.14
N GLU A 524 10.34 15.33 5.77
CA GLU A 524 11.29 14.53 6.54
C GLU A 524 11.55 15.10 7.94
N GLN A 525 11.83 16.40 8.02
CA GLN A 525 12.05 17.03 9.32
C GLN A 525 10.81 16.92 10.22
N ILE A 526 9.63 17.02 9.61
CA ILE A 526 8.37 16.79 10.30
C ILE A 526 8.34 15.38 10.87
N ASN A 527 8.64 14.38 10.03
CA ASN A 527 8.71 13.00 10.47
C ASN A 527 9.64 12.79 11.67
N MET A 528 10.83 13.40 11.61
CA MET A 528 11.77 13.31 12.73
C MET A 528 11.21 13.94 14.00
N TYR A 529 10.61 15.12 13.87
CA TYR A 529 9.98 15.77 15.04
C TYR A 529 8.91 14.88 15.66
N LYS A 530 8.11 14.25 14.80
CA LYS A 530 7.09 13.30 15.26
C LYS A 530 7.73 12.13 16.01
N GLU A 531 8.84 11.63 15.48
CA GLU A 531 9.59 10.58 16.17
C GLU A 531 9.97 11.01 17.58
N LYS A 532 10.53 12.21 17.70
CA LYS A 532 10.92 12.73 19.01
C LYS A 532 9.74 12.86 19.97
N MET A 533 8.66 13.46 19.49
CA MET A 533 7.45 13.59 20.31
C MET A 533 6.97 12.23 20.80
N MET A 534 6.99 11.25 19.91
CA MET A 534 6.61 9.88 20.23
C MET A 534 7.45 9.32 21.37
N ASN A 535 8.77 9.34 21.19
CA ASN A 535 9.66 8.80 22.24
C ASN A 535 9.53 9.51 23.60
N ASP A 536 9.52 10.84 23.56
CA ASP A 536 9.32 11.64 24.78
C ASP A 536 8.02 11.24 25.50
N SER A 537 6.92 11.21 24.75
CA SER A 537 5.62 10.83 25.28
C SER A 537 5.66 9.45 25.93
N ILE A 538 6.28 8.50 25.22
CA ILE A 538 6.42 7.13 25.75
C ILE A 538 7.18 7.09 27.08
N LEU A 539 8.31 7.79 27.16
CA LEU A 539 9.03 7.89 28.43
C LEU A 539 8.10 8.42 29.53
N ARG A 540 7.49 9.57 29.24
CA ARG A 540 6.55 10.22 30.14
C ARG A 540 5.50 9.27 30.71
N LEU A 541 4.76 8.57 29.86
CA LEU A 541 3.72 7.67 30.36
C LEU A 541 4.28 6.40 30.99
N GLN A 542 5.51 6.04 30.63
CA GLN A 542 6.18 4.91 31.30
C GLN A 542 6.54 5.29 32.74
N THR A 543 6.69 6.58 33.01
CA THR A 543 6.89 7.01 34.41
C THR A 543 5.68 6.78 35.33
N TRP A 544 4.48 6.78 34.77
CA TRP A 544 3.24 6.74 35.57
C TRP A 544 3.01 5.43 36.33
N ASP A 545 2.29 5.54 37.45
CA ASP A 545 1.81 4.38 38.19
C ASP A 545 0.77 3.66 37.33
N GLU A 546 0.85 2.34 37.30
CA GLU A 546 0.00 1.54 36.42
C GLU A 546 -1.48 1.69 36.72
N ALA A 547 -1.84 1.90 37.99
CA ALA A 547 -3.23 2.06 38.39
C ALA A 547 -3.85 3.37 37.89
N VAL A 548 -3.12 4.46 38.05
CA VAL A 548 -3.53 5.77 37.53
C VAL A 548 -3.78 5.67 36.03
N PHE A 549 -2.80 5.10 35.34
CA PHE A 549 -2.86 4.89 33.90
C PHE A 549 -4.06 4.06 33.51
N ARG A 550 -4.34 3.01 34.28
CA ARG A 550 -5.47 2.14 34.01
C ARG A 550 -6.81 2.85 34.22
N GLU A 551 -6.87 3.75 35.20
CA GLU A 551 -8.05 4.56 35.42
C GLU A 551 -8.31 5.45 34.20
N LYS A 552 -7.28 6.20 33.83
CA LYS A 552 -7.33 7.05 32.64
C LYS A 552 -7.81 6.27 31.41
N ILE A 553 -7.12 5.17 31.11
CA ILE A 553 -7.44 4.32 29.98
C ILE A 553 -8.89 3.85 30.04
N LEU A 554 -9.32 3.38 31.21
CA LEU A 554 -10.69 2.93 31.41
C LEU A 554 -11.68 3.99 30.98
N HIS A 555 -11.51 5.21 31.48
CA HIS A 555 -12.50 6.23 31.10
C HIS A 555 -12.40 6.73 29.64
N ILE A 556 -11.20 6.68 29.07
CA ILE A 556 -11.06 6.89 27.62
C ILE A 556 -11.91 5.84 26.87
N GLN A 557 -11.79 4.59 27.27
CA GLN A 557 -12.54 3.49 26.68
C GLN A 557 -14.05 3.69 26.81
N THR A 558 -14.49 4.11 27.99
CA THR A 558 -15.91 4.42 28.19
C THR A 558 -16.38 5.50 27.22
N HIS A 559 -15.64 6.61 27.16
CA HIS A 559 -15.96 7.70 26.24
C HIS A 559 -16.08 7.22 24.79
N GLU A 560 -15.03 6.59 24.31
CA GLU A 560 -14.98 6.07 22.94
C GLU A 560 -16.13 5.12 22.63
N LYS A 561 -16.40 4.19 23.55
CA LYS A 561 -17.51 3.26 23.40
C LYS A 561 -18.83 4.00 23.25
N PHE A 562 -19.08 4.97 24.14
CA PHE A 562 -20.31 5.76 24.01
C PHE A 562 -20.39 6.42 22.65
N ILE A 563 -19.29 6.98 22.19
CA ILE A 563 -19.27 7.63 20.88
C ILE A 563 -19.65 6.63 19.78
N ARG A 564 -19.06 5.43 19.84
CA ARG A 564 -19.36 4.37 18.87
C ARG A 564 -20.83 3.98 18.87
N ASP A 565 -21.41 3.80 20.05
CA ASP A 565 -22.81 3.38 20.14
C ASP A 565 -23.79 4.47 19.75
N SER A 566 -23.46 5.72 20.06
CA SER A 566 -24.32 6.85 19.72
C SER A 566 -24.30 7.17 18.23
N GLN A 567 -23.10 7.22 17.66
CA GLN A 567 -22.93 7.63 16.27
C GLN A 567 -23.19 6.50 15.26
N GLU A 568 -24.05 5.55 15.64
CA GLU A 568 -24.54 4.58 14.67
C GLU A 568 -25.37 5.32 13.63
N LYS A 569 -25.06 5.07 12.36
CA LYS A 569 -25.81 5.70 11.28
C LYS A 569 -27.29 5.31 11.36
N PRO A 570 -28.16 6.31 11.43
CA PRO A 570 -29.61 6.04 11.40
C PRO A 570 -29.95 5.35 10.09
N LYS A 571 -30.74 4.27 10.15
CA LYS A 571 -31.11 3.52 8.95
C LYS A 571 -31.70 4.43 7.89
N PRO A 572 -31.25 4.28 6.63
CA PRO A 572 -31.63 5.20 5.55
C PRO A 572 -32.98 4.87 4.92
N VAL A 573 -33.70 5.91 4.52
CA VAL A 573 -34.97 5.75 3.81
C VAL A 573 -34.73 5.59 2.32
N PRO A 574 -35.13 4.45 1.77
CA PRO A 574 -34.93 4.16 0.34
C PRO A 574 -35.97 4.83 -0.54
N ASP A 575 -35.52 5.43 -1.64
CA ASP A 575 -36.43 5.87 -2.68
C ASP A 575 -36.84 4.64 -3.48
N LYS A 576 -38.06 4.17 -3.24
CA LYS A 576 -38.53 2.93 -3.87
C LYS A 576 -38.91 3.10 -5.33
N GLU A 577 -38.63 4.28 -5.89
CA GLU A 577 -38.92 4.54 -7.29
C GLU A 577 -37.88 3.92 -8.21
N ASN A 578 -38.34 3.29 -9.28
CA ASN A 578 -37.46 2.63 -10.23
C ASN A 578 -36.65 3.65 -11.04
N LYS A 579 -35.34 3.44 -11.12
CA LYS A 579 -34.46 4.35 -11.85
C LYS A 579 -33.65 3.59 -12.90
N LYS A 580 -32.99 4.34 -13.77
CA LYS A 580 -32.19 3.75 -14.84
C LYS A 580 -30.71 3.67 -14.52
N LEU A 581 -30.10 2.54 -14.86
CA LEU A 581 -28.66 2.38 -14.82
C LEU A 581 -28.12 2.39 -16.25
N LEU A 582 -27.39 3.47 -16.58
CA LEU A 582 -26.82 3.65 -17.90
C LEU A 582 -25.30 3.44 -17.83
N CYS A 583 -24.70 3.08 -18.96
CA CYS A 583 -23.25 2.96 -19.03
C CYS A 583 -22.61 4.33 -18.84
N ARG A 584 -21.71 4.45 -17.87
CA ARG A 584 -21.13 5.75 -17.53
C ARG A 584 -20.37 6.36 -18.71
N LYS A 585 -19.80 5.52 -19.56
CA LYS A 585 -19.00 5.99 -20.68
C LYS A 585 -19.85 6.38 -21.89
N CYS A 586 -20.63 5.43 -22.40
CA CYS A 586 -21.39 5.64 -23.64
C CYS A 586 -22.85 6.03 -23.42
N LYS A 587 -23.30 5.94 -22.17
CA LYS A 587 -24.66 6.33 -21.77
C LYS A 587 -25.78 5.39 -22.24
N ALA A 588 -25.41 4.23 -22.77
CA ALA A 588 -26.41 3.23 -23.17
C ALA A 588 -27.09 2.63 -21.93
N LEU A 589 -28.38 2.32 -22.06
CA LEU A 589 -29.14 1.76 -20.94
C LEU A 589 -28.70 0.34 -20.61
N ALA A 590 -28.05 0.18 -19.46
CA ALA A 590 -27.66 -1.13 -18.98
C ALA A 590 -28.87 -1.87 -18.40
N CYS A 591 -29.48 -1.29 -17.36
CA CYS A 591 -30.64 -1.93 -16.74
C CYS A 591 -31.52 -0.98 -15.94
N TYR A 592 -32.44 -1.54 -15.17
CA TYR A 592 -33.25 -0.78 -14.23
C TYR A 592 -32.96 -1.25 -12.80
N THR A 593 -33.19 -0.39 -11.81
CA THR A 593 -32.84 -0.69 -10.43
C THR A 593 -33.73 -1.75 -9.79
N ALA A 594 -34.87 -2.02 -10.41
CA ALA A 594 -35.82 -3.00 -9.89
C ALA A 594 -35.41 -4.43 -10.25
N ASP A 595 -34.49 -4.56 -11.19
CA ASP A 595 -33.95 -5.87 -11.57
C ASP A 595 -32.68 -6.16 -10.78
N VAL A 596 -32.38 -5.28 -9.82
CA VAL A 596 -31.13 -5.39 -9.07
C VAL A 596 -31.33 -6.06 -7.71
N ARG A 597 -30.47 -7.03 -7.41
CA ARG A 597 -30.56 -7.77 -6.15
C ARG A 597 -29.28 -7.65 -5.35
N VAL A 598 -29.41 -7.54 -4.03
CA VAL A 598 -28.26 -7.47 -3.15
C VAL A 598 -27.84 -8.88 -2.73
N ILE A 599 -26.55 -9.18 -2.87
CA ILE A 599 -26.02 -10.47 -2.45
C ILE A 599 -25.04 -10.28 -1.29
N GLU A 600 -25.24 -11.03 -0.23
CA GLU A 600 -24.41 -10.96 0.97
C GLU A 600 -24.33 -9.54 1.52
N ASP A 601 -25.43 -8.79 1.36
CA ASP A 601 -25.57 -7.42 1.87
C ASP A 601 -24.66 -6.37 1.24
N CYS A 602 -23.59 -6.79 0.57
CA CYS A 602 -22.61 -5.84 0.04
C CYS A 602 -22.39 -5.92 -1.47
N HIS A 603 -22.91 -6.95 -2.12
CA HIS A 603 -22.69 -7.13 -3.55
C HIS A 603 -23.99 -7.06 -4.34
N TYR A 604 -23.90 -6.62 -5.59
CA TYR A 604 -25.09 -6.29 -6.38
C TYR A 604 -25.11 -6.98 -7.73
N THR A 605 -26.21 -7.69 -8.02
CA THR A 605 -26.38 -8.40 -9.27
C THR A 605 -27.62 -7.90 -10.00
N VAL A 606 -27.79 -8.34 -11.26
CA VAL A 606 -28.96 -7.97 -12.04
C VAL A 606 -29.68 -9.23 -12.53
N LEU A 607 -31.01 -9.25 -12.39
CA LEU A 607 -31.80 -10.42 -12.80
C LEU A 607 -32.22 -10.32 -14.25
N GLY A 608 -32.60 -11.45 -14.83
CA GLY A 608 -33.13 -11.48 -16.18
C GLY A 608 -32.14 -11.88 -17.26
N ASP A 609 -32.66 -12.33 -18.39
CA ASP A 609 -31.85 -12.67 -19.55
C ASP A 609 -31.61 -11.43 -20.42
N ALA A 610 -32.47 -10.42 -20.24
CA ALA A 610 -32.36 -9.17 -20.99
C ALA A 610 -31.04 -8.46 -20.73
N PHE A 611 -30.53 -8.60 -19.51
CA PHE A 611 -29.27 -7.96 -19.12
C PHE A 611 -28.07 -8.75 -19.64
N LYS A 612 -28.23 -10.07 -19.80
CA LYS A 612 -27.16 -10.93 -20.27
C LYS A 612 -26.64 -10.53 -21.64
N GLU A 613 -27.47 -9.85 -22.42
CA GLU A 613 -27.12 -9.45 -23.78
C GLU A 613 -26.66 -8.00 -23.83
N CYS A 614 -26.37 -7.42 -22.67
CA CYS A 614 -25.92 -6.04 -22.60
C CYS A 614 -24.45 -5.93 -22.20
N PHE A 615 -23.85 -7.06 -21.83
CA PHE A 615 -22.43 -7.08 -21.49
C PHE A 615 -21.68 -8.23 -22.15
N VAL A 616 -20.46 -7.95 -22.59
CA VAL A 616 -19.56 -9.00 -23.06
C VAL A 616 -18.68 -9.41 -21.89
N SER A 617 -18.10 -10.60 -21.96
CA SER A 617 -17.28 -11.10 -20.87
C SER A 617 -15.88 -11.50 -21.36
N ARG A 618 -14.86 -10.99 -20.68
CA ARG A 618 -13.49 -11.41 -20.96
C ARG A 618 -12.95 -12.16 -19.76
N PRO A 619 -12.38 -13.36 -19.99
CA PRO A 619 -11.93 -14.26 -18.92
C PRO A 619 -10.78 -13.68 -18.09
N HIS A 620 -10.89 -13.80 -16.77
CA HIS A 620 -9.88 -13.27 -15.85
C HIS A 620 -8.71 -14.24 -15.74
N PRO A 621 -7.49 -13.77 -16.08
CA PRO A 621 -6.29 -14.61 -16.02
C PRO A 621 -5.90 -14.89 -14.57
N LYS A 622 -6.51 -14.17 -13.65
CA LYS A 622 -6.25 -14.33 -12.23
C LYS A 622 -7.55 -14.69 -11.51
N PRO A 623 -8.03 -15.93 -11.71
CA PRO A 623 -9.29 -16.34 -11.09
C PRO A 623 -9.15 -16.58 -9.59
N LYS A 624 -9.30 -15.51 -8.82
CA LYS A 624 -9.19 -15.59 -7.36
C LYS A 624 -10.56 -15.83 -6.72
N GLN A 625 -10.57 -16.46 -5.55
CA GLN A 625 -11.82 -16.74 -4.85
C GLN A 625 -11.85 -16.09 -3.47
N PHE A 626 -13.03 -15.67 -3.04
CA PHE A 626 -13.21 -15.06 -1.74
C PHE A 626 -14.11 -15.96 -0.89
N SER A 627 -14.43 -15.51 0.33
CA SER A 627 -15.27 -16.28 1.25
C SER A 627 -16.74 -16.32 0.84
N SER A 628 -17.03 -15.85 -0.37
CA SER A 628 -18.41 -15.73 -0.82
C SER A 628 -18.60 -16.30 -2.23
N PHE A 629 -17.71 -15.93 -3.14
CA PHE A 629 -17.82 -16.35 -4.54
C PHE A 629 -16.47 -16.38 -5.23
N GLU A 630 -16.44 -16.90 -6.45
CA GLU A 630 -15.21 -16.98 -7.22
C GLU A 630 -15.21 -16.08 -8.44
N LYS A 631 -14.30 -15.11 -8.47
CA LYS A 631 -14.19 -14.19 -9.61
C LYS A 631 -13.67 -14.93 -10.82
N ARG A 632 -14.56 -15.27 -11.74
CA ARG A 632 -14.21 -16.03 -12.93
C ARG A 632 -13.76 -15.13 -14.08
N ALA A 633 -14.46 -14.02 -14.30
CA ALA A 633 -14.17 -13.14 -15.42
C ALA A 633 -14.50 -11.68 -15.13
N LYS A 634 -14.20 -10.82 -16.09
CA LYS A 634 -14.58 -9.41 -16.01
C LYS A 634 -15.61 -9.11 -17.11
N ILE A 635 -16.48 -8.13 -16.84
CA ILE A 635 -17.57 -7.82 -17.77
C ILE A 635 -17.50 -6.38 -18.29
N PHE A 636 -17.92 -6.19 -19.54
CA PHE A 636 -17.83 -4.88 -20.18
C PHE A 636 -19.08 -4.53 -20.97
N CYS A 637 -19.25 -3.24 -21.23
CA CYS A 637 -20.34 -2.75 -22.05
C CYS A 637 -20.31 -3.39 -23.44
N ALA A 638 -21.43 -3.97 -23.85
CA ALA A 638 -21.48 -4.77 -25.08
C ALA A 638 -21.44 -3.98 -26.38
N ARG A 639 -21.61 -2.66 -26.30
CA ARG A 639 -21.42 -1.83 -27.48
C ARG A 639 -19.97 -2.00 -27.93
N GLN A 640 -19.79 -2.53 -29.14
CA GLN A 640 -18.48 -2.98 -29.59
C GLN A 640 -17.44 -1.87 -29.80
N ASN A 641 -17.77 -0.66 -29.36
CA ASN A 641 -16.83 0.45 -29.45
C ASN A 641 -16.67 1.15 -28.10
N CYS A 642 -17.51 0.77 -27.14
CA CYS A 642 -17.42 1.29 -25.79
C CYS A 642 -16.47 0.42 -24.96
N SER A 643 -16.97 -0.75 -24.54
CA SER A 643 -16.19 -1.69 -23.74
C SER A 643 -15.71 -1.08 -22.43
N HIS A 644 -16.65 -0.47 -21.71
CA HIS A 644 -16.37 0.12 -20.40
C HIS A 644 -16.38 -0.96 -19.32
N ASP A 645 -15.49 -0.83 -18.34
CA ASP A 645 -15.44 -1.79 -17.24
C ASP A 645 -16.69 -1.67 -16.36
N TRP A 646 -17.46 -2.74 -16.27
CA TRP A 646 -18.73 -2.74 -15.54
C TRP A 646 -18.66 -3.46 -14.21
N GLY A 647 -17.71 -4.38 -14.09
CA GLY A 647 -17.60 -5.19 -12.89
C GLY A 647 -16.98 -6.54 -13.22
N ILE A 648 -17.48 -7.58 -12.58
CA ILE A 648 -16.94 -8.92 -12.78
C ILE A 648 -18.03 -9.96 -13.00
N HIS A 649 -17.64 -11.17 -13.35
CA HIS A 649 -18.57 -12.29 -13.42
C HIS A 649 -18.09 -13.36 -12.45
N VAL A 650 -19.00 -13.88 -11.64
CA VAL A 650 -18.61 -14.80 -10.58
C VAL A 650 -19.36 -16.13 -10.61
N LYS A 651 -18.73 -17.14 -10.01
CA LYS A 651 -19.43 -18.36 -9.63
C LYS A 651 -19.82 -18.20 -8.17
N TYR A 652 -21.13 -18.13 -7.92
CA TYR A 652 -21.64 -17.93 -6.58
C TYR A 652 -22.76 -18.90 -6.27
N LYS A 653 -22.49 -19.84 -5.36
CA LYS A 653 -23.44 -20.91 -5.04
C LYS A 653 -23.89 -21.63 -6.31
N THR A 654 -22.92 -22.11 -7.08
CA THR A 654 -23.15 -22.79 -8.35
C THR A 654 -23.79 -21.92 -9.44
N PHE A 655 -24.13 -20.67 -9.10
CA PHE A 655 -24.66 -19.73 -10.09
C PHE A 655 -23.53 -18.98 -10.79
N GLU A 656 -23.67 -18.79 -12.09
CA GLU A 656 -22.75 -17.96 -12.85
C GLU A 656 -23.43 -16.60 -13.08
N ILE A 657 -23.16 -15.65 -12.18
CA ILE A 657 -23.87 -14.38 -12.19
C ILE A 657 -22.96 -13.16 -12.24
N PRO A 658 -23.42 -12.06 -12.86
CA PRO A 658 -22.64 -10.83 -12.92
C PRO A 658 -22.73 -10.02 -11.63
N VAL A 659 -21.62 -9.39 -11.25
CA VAL A 659 -21.61 -8.47 -10.12
C VAL A 659 -21.08 -7.12 -10.62
N ILE A 660 -21.89 -6.08 -10.43
CA ILE A 660 -21.59 -4.77 -11.01
C ILE A 660 -21.22 -3.73 -9.96
N LYS A 661 -20.44 -2.73 -10.38
CA LYS A 661 -20.09 -1.61 -9.52
C LYS A 661 -20.77 -0.34 -10.00
N ILE A 662 -21.42 0.36 -9.07
CA ILE A 662 -22.20 1.56 -9.39
C ILE A 662 -21.36 2.68 -10.01
N GLU A 663 -20.05 2.63 -9.81
CA GLU A 663 -19.14 3.66 -10.32
C GLU A 663 -19.02 3.60 -11.84
N SER A 664 -19.50 2.51 -12.44
CA SER A 664 -19.46 2.37 -13.88
C SER A 664 -20.80 2.73 -14.50
N PHE A 665 -21.66 3.37 -13.72
CA PHE A 665 -23.01 3.66 -14.19
C PHE A 665 -23.52 5.05 -13.81
N VAL A 666 -24.41 5.57 -14.66
CA VAL A 666 -25.14 6.81 -14.38
C VAL A 666 -26.54 6.44 -13.94
N VAL A 667 -27.04 7.08 -12.89
CA VAL A 667 -28.40 6.83 -12.42
C VAL A 667 -29.35 7.91 -12.96
N GLU A 668 -30.23 7.52 -13.87
CA GLU A 668 -31.17 8.48 -14.45
C GLU A 668 -32.58 8.33 -13.88
N ASP A 669 -33.17 9.45 -13.49
CA ASP A 669 -34.59 9.48 -13.12
C ASP A 669 -35.40 9.37 -14.41
N ILE A 670 -36.29 8.38 -14.46
CA ILE A 670 -37.05 8.07 -15.68
C ILE A 670 -37.96 9.20 -16.16
N ALA A 671 -38.85 9.66 -15.29
CA ALA A 671 -39.79 10.73 -15.64
C ALA A 671 -39.08 11.97 -16.15
N THR A 672 -38.04 12.37 -15.43
CA THR A 672 -37.24 13.53 -15.80
C THR A 672 -36.18 13.15 -16.82
N GLY A 673 -34.97 13.64 -16.59
CA GLY A 673 -33.79 13.25 -17.32
C GLY A 673 -32.61 13.44 -16.39
N VAL A 674 -32.95 13.65 -15.12
CA VAL A 674 -31.97 13.93 -14.08
C VAL A 674 -31.03 12.77 -13.85
N GLN A 675 -29.73 13.05 -13.96
CA GLN A 675 -28.71 12.02 -13.76
C GLN A 675 -27.94 12.26 -12.46
N THR A 676 -27.43 11.18 -11.89
CA THR A 676 -26.69 11.24 -10.63
C THR A 676 -25.57 10.20 -10.65
N LEU A 677 -24.42 10.56 -10.10
CA LEU A 677 -23.29 9.66 -10.04
C LEU A 677 -22.99 9.19 -8.62
N TYR A 678 -22.79 7.88 -8.47
CA TYR A 678 -22.43 7.28 -7.20
C TYR A 678 -21.13 6.50 -7.36
N SER A 679 -20.26 6.59 -6.37
CA SER A 679 -19.03 5.81 -6.37
C SER A 679 -19.20 4.53 -5.55
N LYS A 680 -20.01 4.61 -4.49
CA LYS A 680 -20.26 3.44 -3.66
C LYS A 680 -21.75 3.13 -3.52
N TRP A 681 -22.07 1.83 -3.59
CA TRP A 681 -23.44 1.35 -3.47
C TRP A 681 -24.04 1.74 -2.13
N LYS A 682 -23.19 1.89 -1.13
CA LYS A 682 -23.62 2.23 0.23
C LYS A 682 -24.23 3.64 0.30
N ASP A 683 -23.87 4.49 -0.67
CA ASP A 683 -24.37 5.85 -0.71
C ASP A 683 -25.56 5.98 -1.65
N PHE A 684 -25.89 4.89 -2.33
CA PHE A 684 -27.00 4.85 -3.28
C PHE A 684 -28.22 4.26 -2.60
N HIS A 685 -29.04 5.13 -2.00
CA HIS A 685 -30.18 4.68 -1.20
C HIS A 685 -31.46 4.49 -2.01
N PHE A 686 -31.54 3.34 -2.68
CA PHE A 686 -32.75 2.92 -3.38
C PHE A 686 -33.28 1.67 -2.69
N GLU A 687 -34.44 1.18 -3.12
CA GLU A 687 -35.00 -0.04 -2.55
C GLU A 687 -34.10 -1.24 -2.83
N LYS A 688 -33.31 -1.62 -1.84
CA LYS A 688 -32.35 -2.72 -2.00
C LYS A 688 -32.97 -4.07 -1.71
N ILE A 689 -33.31 -4.80 -2.77
CA ILE A 689 -33.97 -6.09 -2.66
C ILE A 689 -32.94 -7.23 -2.54
N PRO A 690 -33.10 -8.08 -1.52
CA PRO A 690 -32.22 -9.24 -1.34
C PRO A 690 -32.31 -10.26 -2.47
N PHE A 691 -31.22 -11.00 -2.67
CA PHE A 691 -31.14 -12.05 -3.68
C PHE A 691 -31.90 -13.28 -3.22
N ASP A 692 -32.35 -14.11 -4.17
CA ASP A 692 -33.08 -15.33 -3.84
C ASP A 692 -32.94 -16.35 -4.96
N PRO A 693 -32.47 -17.56 -4.62
CA PRO A 693 -32.35 -18.65 -5.60
C PRO A 693 -33.71 -19.08 -6.15
N ALA A 694 -34.27 -18.27 -7.05
CA ALA A 694 -35.55 -18.59 -7.67
C ALA A 694 -35.58 -18.21 -9.14
ZN ZN D . -20.94 1.68 -22.79
S SO4 E . 11.25 -8.15 14.20
O1 SO4 E . 12.07 -9.25 13.72
O2 SO4 E . 11.73 -7.72 15.50
O3 SO4 E . 9.86 -8.61 14.32
O4 SO4 E . 11.31 -7.04 13.27
#